data_9F2L
#
_entry.id   9F2L
#
_cell.length_a   1.00
_cell.length_b   1.00
_cell.length_c   1.00
_cell.angle_alpha   90.00
_cell.angle_beta   90.00
_cell.angle_gamma   90.00
#
_symmetry.space_group_name_H-M   'P 1'
#
loop_
_entity.id
_entity.type
_entity.pdbx_description
1 polymer 'Interferon-induced helicase C domain-containing protein 1'
2 polymer "RNA (5'-R(P*CP*AP*AP*GP*CP*CP*GP*AP*GP*GP*AP*GP*AP*G)-3')"
3 polymer "RNA (5'-R(P*CP*UP*CP*UP*CP*CP*UP*CP*GP*GP*CP*UP*UP*G)-3')"
4 non-polymer 'ZINC ION'
5 non-polymer "ADENOSINE-5'-DIPHOSPHATE"
6 non-polymer 'TETRAFLUOROALUMINATE ION'
#
loop_
_entity_poly.entity_id
_entity_poly.type
_entity_poly.pdbx_seq_one_letter_code
_entity_poly.pdbx_strand_id
1 'polypeptide(L)'
;MGSSHHHHHHSSGRENLYFQGHMIVCSAEDSFRNLILFFRPRLKMYIQVEPVLDHLIFLSAETKEQILKKINTCGNTSAA
ELLLSTLEQGQWPLGWTQMFVEALEHSGNPLAARYVKPTLTDLPSPSSETAHDECLHLLTLLQPTLVDKLLINDVLDTCF
EKGLLTVEDRNRISAAGNSGNESGVRELLRRIVQKENWFSTFLDVLRQTGNDALFQELTGGGCPEDNTDLANSSHRDGPA
ANECLLPAVDESSLETEAWNVDDILPEASCTDSSVTTESDTSLAEGSVSCFDESLGHNSNMGRDSGTMGSDSDESVIQTK
RVSPEPELQLRPYQMEVAQPALDGKNIIICLPTGSGKTRVAVYITKDHLDKKKQASESGKVIVLVNKVMLAEQLFRKEFN
PYLKKWYRIIGLSGDTQLKISFPEVVKSYDVIISTAQILENSLLNLESGDDDGVQLSDFSLIIIDECHHTNKEAVYNNIM
RRYLKQKLRNNDLKKQNKPAIPLPQILGLTASPGVGAAKKQSEAEKHILNICANLDAFTIKTVKENLGQLKHQIKEPCKK
FVIADDTRENPFKEKLLEIMASIQTYCQKSPMSDFGTQHYEQWAIQMEKKAAKDGNRKDRVCAEHLRKYNEALQINDTIR
MIDAYSHLETFYTDEKEKKFAVLNDSKKSLKLDETDEFLMNLFFDNKKMLKKLAENPKYENEKLIKLRNTILEQFTRSEE
SSRGIIFTKTRQSTYALSQWIMENAKFAEVGVKAHHLIGAGHSSEVKPMTQTEQKEVISKFRTGEINLLIATTVAEEGLD
IKECNIVIRYGLVTNEIAMVQARGRARADESTYVLVTSSGSGVTEREIVNDFREKMMYKAINRVQNMKPEEYAHKILELQ
VQSILEKKMKVKRSIAKQYNDNPSLITLLCKNCSMLVCSGENIHVVEKMHHVNMTPEFKGLYIVRENKALQKKFADYQTN
GEIICKCGQAWGTMMVHKGLDLPCLKIRNFVVNFKNNSPKKQYKKWVELPIRFPDLDYSEYCLYSDED
;
A
2 'polyribonucleotide' CAAGCCGAGGAGAG X
3 'polyribonucleotide' CUCUCCUCGGCUUG Y
#
# COMPACT_ATOMS: atom_id res chain seq x y z
N LEU A 328 -22.38 3.76 -25.66
CA LEU A 328 -23.82 3.51 -25.78
C LEU A 328 -24.08 2.21 -26.55
N GLN A 329 -23.05 1.68 -27.19
CA GLN A 329 -23.14 0.46 -27.98
C GLN A 329 -22.03 -0.49 -27.58
N LEU A 330 -22.34 -1.77 -27.58
CA LEU A 330 -21.43 -2.80 -27.12
C LEU A 330 -21.00 -3.70 -28.27
N ARG A 331 -19.90 -4.36 -28.03
CA ARG A 331 -19.27 -5.33 -28.93
C ARG A 331 -19.84 -6.71 -28.66
N PRO A 332 -19.70 -7.65 -29.61
CA PRO A 332 -20.33 -8.95 -29.38
C PRO A 332 -19.72 -9.71 -28.21
N TYR A 333 -18.41 -9.63 -28.01
CA TYR A 333 -17.81 -10.33 -26.87
C TYR A 333 -18.24 -9.69 -25.56
N GLN A 334 -18.40 -8.37 -25.54
CA GLN A 334 -18.97 -7.72 -24.35
C GLN A 334 -20.43 -8.13 -24.17
N MET A 335 -21.18 -8.19 -25.27
CA MET A 335 -22.61 -8.50 -25.18
C MET A 335 -22.84 -9.90 -24.63
N GLU A 336 -22.04 -10.87 -25.07
CA GLU A 336 -22.25 -12.25 -24.63
C GLU A 336 -22.07 -12.38 -23.12
N VAL A 337 -21.11 -11.65 -22.55
CA VAL A 337 -20.91 -11.71 -21.11
C VAL A 337 -21.95 -10.86 -20.38
N ALA A 338 -22.42 -9.77 -20.99
CA ALA A 338 -23.35 -8.88 -20.31
C ALA A 338 -24.78 -9.44 -20.26
N GLN A 339 -25.16 -10.25 -21.24
CA GLN A 339 -26.53 -10.74 -21.34
C GLN A 339 -27.05 -11.37 -20.05
N PRO A 340 -26.34 -12.32 -19.42
CA PRO A 340 -26.88 -12.92 -18.19
C PRO A 340 -27.15 -11.89 -17.10
N ALA A 341 -26.30 -10.86 -17.02
CA ALA A 341 -26.57 -9.78 -16.09
C ALA A 341 -27.85 -9.05 -16.47
N LEU A 342 -28.04 -8.80 -17.77
CA LEU A 342 -29.27 -8.15 -18.20
C LEU A 342 -30.49 -8.96 -17.82
N ASP A 343 -30.35 -10.26 -17.63
CA ASP A 343 -31.50 -11.07 -17.24
C ASP A 343 -31.80 -11.03 -15.74
N GLY A 344 -31.04 -10.27 -14.94
CA GLY A 344 -31.31 -10.16 -13.52
C GLY A 344 -30.50 -11.09 -12.64
N LYS A 345 -29.47 -11.73 -13.16
CA LYS A 345 -28.63 -12.66 -12.40
C LYS A 345 -27.39 -11.94 -11.90
N ASN A 346 -27.14 -12.05 -10.60
CA ASN A 346 -25.91 -11.52 -10.03
C ASN A 346 -24.73 -12.39 -10.46
N ILE A 347 -23.67 -11.77 -10.97
CA ILE A 347 -22.56 -12.50 -11.58
C ILE A 347 -21.26 -11.72 -11.44
N ILE A 348 -20.17 -12.39 -11.79
CA ILE A 348 -18.86 -11.76 -11.90
C ILE A 348 -18.48 -11.76 -13.37
N ILE A 349 -17.58 -10.84 -13.73
CA ILE A 349 -17.10 -10.70 -15.10
C ILE A 349 -15.60 -10.49 -15.06
N CYS A 350 -14.85 -11.42 -15.64
CA CYS A 350 -13.38 -11.36 -15.69
C CYS A 350 -12.97 -11.12 -17.14
N LEU A 351 -12.38 -9.94 -17.39
CA LEU A 351 -11.92 -9.56 -18.71
C LEU A 351 -10.51 -9.01 -18.63
N PRO A 352 -9.74 -9.09 -19.71
CA PRO A 352 -8.39 -8.50 -19.71
C PRO A 352 -8.44 -7.01 -19.44
N THR A 353 -7.26 -6.43 -19.28
CA THR A 353 -7.16 -5.00 -18.99
C THR A 353 -7.42 -4.19 -20.25
N GLY A 354 -8.22 -3.13 -20.10
CA GLY A 354 -8.49 -2.24 -21.22
C GLY A 354 -9.45 -2.80 -22.25
N SER A 355 -10.25 -3.80 -21.89
CA SER A 355 -11.19 -4.41 -22.82
C SER A 355 -12.59 -3.81 -22.75
N GLY A 356 -12.79 -2.79 -21.91
CA GLY A 356 -14.08 -2.11 -21.87
C GLY A 356 -15.03 -2.65 -20.82
N LYS A 357 -14.54 -2.81 -19.58
CA LYS A 357 -15.42 -3.25 -18.51
C LYS A 357 -16.34 -2.13 -18.05
N THR A 358 -15.82 -0.91 -17.95
CA THR A 358 -16.66 0.22 -17.54
C THR A 358 -17.77 0.46 -18.56
N ARG A 359 -17.49 0.22 -19.83
CA ARG A 359 -18.53 0.34 -20.86
C ARG A 359 -19.67 -0.62 -20.56
N VAL A 360 -19.34 -1.87 -20.27
CA VAL A 360 -20.35 -2.86 -19.93
C VAL A 360 -21.12 -2.42 -18.69
N ALA A 361 -20.41 -1.91 -17.68
CA ALA A 361 -21.06 -1.50 -16.45
C ALA A 361 -22.07 -0.40 -16.71
N VAL A 362 -21.67 0.63 -17.45
CA VAL A 362 -22.58 1.75 -17.70
C VAL A 362 -23.77 1.30 -18.52
N TYR A 363 -23.54 0.45 -19.53
CA TYR A 363 -24.66 -0.03 -20.33
C TYR A 363 -25.63 -0.84 -19.48
N ILE A 364 -25.10 -1.69 -18.60
CA ILE A 364 -25.95 -2.50 -17.73
C ILE A 364 -26.77 -1.60 -16.81
N THR A 365 -26.14 -0.58 -16.24
CA THR A 365 -26.88 0.33 -15.36
C THR A 365 -27.98 1.03 -16.12
N LYS A 366 -27.70 1.51 -17.33
CA LYS A 366 -28.73 2.19 -18.11
C LYS A 366 -29.88 1.25 -18.41
N ASP A 367 -29.57 0.03 -18.86
CA ASP A 367 -30.61 -0.93 -19.19
C ASP A 367 -31.45 -1.28 -17.96
N HIS A 368 -30.79 -1.50 -16.82
CA HIS A 368 -31.51 -1.84 -15.60
C HIS A 368 -32.42 -0.70 -15.18
N LEU A 369 -31.92 0.54 -15.23
CA LEU A 369 -32.75 1.67 -14.83
C LEU A 369 -33.95 1.81 -15.75
N ASP A 370 -33.74 1.69 -17.06
CA ASP A 370 -34.85 1.79 -17.99
C ASP A 370 -35.88 0.70 -17.76
N LYS A 371 -35.41 -0.53 -17.53
CA LYS A 371 -36.33 -1.65 -17.34
C LYS A 371 -37.13 -1.48 -16.05
N LYS A 372 -36.49 -1.02 -14.98
CA LYS A 372 -37.21 -0.76 -13.74
C LYS A 372 -38.21 0.37 -13.93
N LYS A 373 -37.84 1.42 -14.66
CA LYS A 373 -38.77 2.51 -14.90
C LYS A 373 -39.97 2.05 -15.72
N GLN A 374 -39.77 1.09 -16.62
CA GLN A 374 -40.90 0.56 -17.38
C GLN A 374 -41.94 -0.05 -16.46
N ALA A 375 -41.50 -0.78 -15.44
CA ALA A 375 -42.42 -1.42 -14.49
C ALA A 375 -42.87 -0.48 -13.39
N SER A 376 -42.41 0.77 -13.38
CA SER A 376 -42.76 1.73 -12.33
C SER A 376 -42.32 1.22 -10.96
N GLU A 377 -41.02 0.94 -10.85
CA GLU A 377 -40.43 0.43 -9.62
C GLU A 377 -39.23 1.27 -9.26
N SER A 378 -38.98 1.39 -7.96
CA SER A 378 -37.84 2.16 -7.48
C SER A 378 -36.55 1.55 -8.00
N GLY A 379 -35.67 2.41 -8.51
CA GLY A 379 -34.40 1.96 -9.04
C GLY A 379 -33.23 2.81 -8.58
N LYS A 380 -32.28 2.19 -7.85
CA LYS A 380 -31.07 2.87 -7.41
C LYS A 380 -29.88 1.95 -7.65
N VAL A 381 -28.79 2.54 -8.13
CA VAL A 381 -27.58 1.80 -8.46
C VAL A 381 -26.41 2.45 -7.72
N ILE A 382 -25.58 1.61 -7.10
CA ILE A 382 -24.42 2.07 -6.35
C ILE A 382 -23.18 1.34 -6.86
N VAL A 383 -22.11 2.08 -7.09
CA VAL A 383 -20.83 1.54 -7.54
C VAL A 383 -19.82 1.77 -6.43
N LEU A 384 -19.08 0.70 -6.08
CA LEU A 384 -18.12 0.74 -4.99
C LEU A 384 -16.73 0.53 -5.55
N VAL A 385 -15.79 1.40 -5.16
CA VAL A 385 -14.41 1.28 -5.56
C VAL A 385 -13.54 1.39 -4.31
N ASN A 386 -12.22 1.22 -4.50
CA ASN A 386 -11.27 1.25 -3.41
C ASN A 386 -10.29 2.40 -3.49
N LYS A 387 -10.43 3.30 -4.45
CA LYS A 387 -9.53 4.44 -4.58
C LYS A 387 -10.32 5.69 -4.93
N VAL A 388 -9.98 6.79 -4.27
CA VAL A 388 -10.66 8.06 -4.53
C VAL A 388 -10.45 8.48 -5.98
N MET A 389 -9.21 8.35 -6.47
CA MET A 389 -8.92 8.77 -7.83
C MET A 389 -9.77 7.99 -8.82
N LEU A 390 -9.93 6.68 -8.59
CA LEU A 390 -10.74 5.87 -9.50
C LEU A 390 -12.18 6.37 -9.54
N ALA A 391 -12.76 6.64 -8.37
CA ALA A 391 -14.14 7.13 -8.33
C ALA A 391 -14.27 8.46 -9.05
N GLU A 392 -13.34 9.38 -8.79
CA GLU A 392 -13.40 10.70 -9.43
C GLU A 392 -13.31 10.55 -10.94
N GLN A 393 -12.37 9.73 -11.41
CA GLN A 393 -12.22 9.54 -12.86
C GLN A 393 -13.47 8.93 -13.47
N LEU A 394 -14.00 7.88 -12.84
CA LEU A 394 -15.17 7.21 -13.40
C LEU A 394 -16.36 8.16 -13.47
N PHE A 395 -16.56 8.96 -12.42
CA PHE A 395 -17.67 9.90 -12.44
C PHE A 395 -17.46 10.97 -13.51
N ARG A 396 -16.28 11.58 -13.56
CA ARG A 396 -16.09 12.74 -14.42
C ARG A 396 -15.90 12.38 -15.89
N LYS A 397 -15.61 11.11 -16.20
CA LYS A 397 -15.26 10.75 -17.56
C LYS A 397 -16.14 9.68 -18.18
N GLU A 398 -16.69 8.75 -17.40
CA GLU A 398 -17.42 7.62 -17.95
C GLU A 398 -18.92 7.67 -17.64
N PHE A 399 -19.30 7.78 -16.36
CA PHE A 399 -20.70 7.65 -16.00
C PHE A 399 -21.47 8.94 -16.23
N ASN A 400 -20.96 10.06 -15.70
CA ASN A 400 -21.67 11.33 -15.83
C ASN A 400 -21.94 11.70 -17.28
N PRO A 401 -20.99 11.61 -18.21
CA PRO A 401 -21.26 12.07 -19.58
C PRO A 401 -22.28 11.22 -20.32
N TYR A 402 -22.65 10.05 -19.80
CA TYR A 402 -23.53 9.14 -20.53
C TYR A 402 -24.94 9.05 -19.96
N LEU A 403 -25.11 9.27 -18.66
CA LEU A 403 -26.42 9.15 -18.03
C LEU A 403 -26.92 10.46 -17.45
N LYS A 404 -26.14 11.54 -17.54
CA LYS A 404 -26.61 12.83 -17.05
C LYS A 404 -27.86 13.28 -17.80
N LYS A 405 -28.00 12.87 -19.06
CA LYS A 405 -29.14 13.28 -19.87
C LYS A 405 -30.42 12.56 -19.48
N TRP A 406 -30.35 11.51 -18.69
CA TRP A 406 -31.54 10.73 -18.33
C TRP A 406 -31.71 10.58 -16.83
N TYR A 407 -30.63 10.46 -16.07
CA TYR A 407 -30.70 10.15 -14.65
C TYR A 407 -29.77 11.08 -13.87
N ARG A 408 -29.96 11.11 -12.56
CA ARG A 408 -29.15 11.93 -11.67
C ARG A 408 -27.97 11.11 -11.16
N ILE A 409 -26.77 11.61 -11.41
CA ILE A 409 -25.53 10.90 -11.11
C ILE A 409 -24.76 11.69 -10.06
N ILE A 410 -24.19 11.01 -9.08
CA ILE A 410 -23.36 11.65 -8.06
C ILE A 410 -22.20 10.73 -7.72
N GLY A 411 -21.03 11.35 -7.49
CA GLY A 411 -19.85 10.60 -7.10
C GLY A 411 -19.26 11.12 -5.80
N LEU A 412 -19.04 10.24 -4.84
CA LEU A 412 -18.59 10.61 -3.51
C LEU A 412 -17.19 10.05 -3.24
N SER A 413 -16.58 10.53 -2.18
CA SER A 413 -15.27 10.08 -1.73
C SER A 413 -14.98 10.72 -0.39
N GLY A 414 -13.82 10.41 0.18
CA GLY A 414 -13.43 10.99 1.45
C GLY A 414 -12.89 12.41 1.37
N ASP A 415 -12.69 12.93 0.16
CA ASP A 415 -12.15 14.26 -0.03
C ASP A 415 -13.22 15.30 -0.31
N THR A 416 -14.50 14.94 -0.18
CA THR A 416 -15.61 15.83 -0.52
C THR A 416 -16.53 15.99 0.68
N GLN A 417 -17.36 17.04 0.62
CA GLN A 417 -18.23 17.41 1.73
C GLN A 417 -19.65 16.90 1.57
N LEU A 418 -19.94 16.10 0.54
CA LEU A 418 -21.28 15.56 0.38
C LEU A 418 -21.57 14.42 1.34
N LYS A 419 -20.54 13.79 1.90
CA LYS A 419 -20.75 12.63 2.77
C LYS A 419 -21.30 13.00 4.14
N ILE A 420 -21.61 14.28 4.38
CA ILE A 420 -22.05 14.68 5.71
C ILE A 420 -23.39 14.04 6.06
N SER A 421 -24.29 13.93 5.09
CA SER A 421 -25.61 13.31 5.31
C SER A 421 -25.85 12.36 4.13
N PHE A 422 -25.43 11.12 4.29
CA PHE A 422 -25.42 10.15 3.21
C PHE A 422 -26.81 9.61 2.88
N PRO A 423 -27.67 9.36 3.87
CA PRO A 423 -28.98 8.75 3.54
C PRO A 423 -29.79 9.54 2.53
N GLU A 424 -29.83 10.86 2.65
CA GLU A 424 -30.61 11.63 1.68
C GLU A 424 -29.76 12.13 0.53
N VAL A 425 -28.44 11.91 0.56
CA VAL A 425 -27.70 11.76 -0.69
C VAL A 425 -28.28 10.61 -1.49
N VAL A 426 -28.55 9.49 -0.81
CA VAL A 426 -29.06 8.31 -1.49
C VAL A 426 -30.44 8.58 -2.07
N LYS A 427 -31.36 9.10 -1.25
CA LYS A 427 -32.70 9.30 -1.81
C LYS A 427 -32.73 10.47 -2.78
N SER A 428 -31.81 11.43 -2.65
CA SER A 428 -31.80 12.56 -3.57
C SER A 428 -31.42 12.13 -4.98
N TYR A 429 -30.45 11.22 -5.10
CA TYR A 429 -29.92 10.82 -6.40
C TYR A 429 -30.21 9.35 -6.66
N ASP A 430 -30.06 8.95 -7.93
CA ASP A 430 -30.32 7.60 -8.38
C ASP A 430 -29.05 6.79 -8.56
N VAL A 431 -28.05 7.35 -9.23
CA VAL A 431 -26.78 6.68 -9.50
C VAL A 431 -25.74 7.24 -8.55
N ILE A 432 -25.07 6.36 -7.80
CA ILE A 432 -24.08 6.76 -6.83
C ILE A 432 -22.78 6.03 -7.13
N ILE A 433 -21.66 6.75 -7.05
CA ILE A 433 -20.33 6.17 -7.14
C ILE A 433 -19.56 6.59 -5.89
N SER A 434 -18.94 5.63 -5.21
CA SER A 434 -18.30 5.94 -3.94
C SER A 434 -17.33 4.83 -3.55
N THR A 435 -16.70 5.01 -2.40
CA THR A 435 -15.83 4.03 -1.78
C THR A 435 -16.61 3.27 -0.72
N ALA A 436 -16.28 1.99 -0.55
CA ALA A 436 -17.08 1.13 0.32
C ALA A 436 -17.11 1.64 1.75
N GLN A 437 -16.03 2.27 2.22
CA GLN A 437 -15.97 2.67 3.62
C GLN A 437 -17.10 3.60 4.00
N ILE A 438 -17.54 4.47 3.09
CA ILE A 438 -18.62 5.39 3.40
C ILE A 438 -19.90 4.60 3.71
N LEU A 439 -20.23 3.66 2.84
CA LEU A 439 -21.45 2.87 3.04
C LEU A 439 -21.32 2.00 4.29
N GLU A 440 -20.13 1.48 4.55
CA GLU A 440 -19.93 0.69 5.77
C GLU A 440 -20.15 1.55 7.00
N ASN A 441 -19.65 2.79 6.98
CA ASN A 441 -19.87 3.69 8.11
C ASN A 441 -21.34 3.99 8.29
N SER A 442 -22.06 4.19 7.17
CA SER A 442 -23.50 4.42 7.28
C SER A 442 -24.21 3.23 7.91
N LEU A 443 -23.84 2.01 7.48
CA LEU A 443 -24.44 0.82 8.06
C LEU A 443 -24.13 0.71 9.55
N LEU A 444 -22.90 1.00 9.94
CA LEU A 444 -22.53 0.95 11.35
C LEU A 444 -23.32 1.97 12.14
N ASN A 445 -23.51 3.17 11.59
CA ASN A 445 -24.32 4.17 12.27
C ASN A 445 -25.75 3.70 12.45
N LEU A 446 -26.32 3.08 11.40
CA LEU A 446 -27.69 2.60 11.51
C LEU A 446 -27.83 1.51 12.56
N GLU A 447 -26.90 0.55 12.56
CA GLU A 447 -27.04 -0.61 13.45
C GLU A 447 -26.77 -0.22 14.90
N SER A 448 -25.84 0.70 15.14
CA SER A 448 -25.49 1.12 16.49
C SER A 448 -25.71 2.60 16.75
N GLY A 449 -25.33 3.47 15.80
CA GLY A 449 -25.48 4.89 16.01
C GLY A 449 -26.93 5.33 15.95
N ASP A 450 -27.15 6.57 16.40
CA ASP A 450 -28.49 7.15 16.41
C ASP A 450 -28.79 7.94 15.13
N ASP A 451 -27.87 7.95 14.17
CA ASP A 451 -28.10 8.70 12.94
C ASP A 451 -29.19 8.02 12.11
N ASP A 452 -29.56 8.68 11.01
CA ASP A 452 -30.63 8.15 10.16
C ASP A 452 -30.26 6.77 9.60
N GLY A 453 -29.03 6.63 9.11
CA GLY A 453 -28.56 5.34 8.65
C GLY A 453 -29.03 5.01 7.24
N VAL A 454 -28.52 3.87 6.75
CA VAL A 454 -28.84 3.39 5.40
C VAL A 454 -28.89 1.87 5.42
N GLN A 455 -29.70 1.30 4.53
CA GLN A 455 -29.83 -0.14 4.41
C GLN A 455 -29.61 -0.55 2.96
N LEU A 456 -29.13 -1.79 2.77
CA LEU A 456 -28.89 -2.29 1.43
C LEU A 456 -30.18 -2.37 0.62
N SER A 457 -31.31 -2.59 1.28
CA SER A 457 -32.58 -2.69 0.56
C SER A 457 -32.90 -1.42 -0.21
N ASP A 458 -32.32 -0.28 0.19
CA ASP A 458 -32.55 0.96 -0.52
C ASP A 458 -31.99 0.94 -1.94
N PHE A 459 -31.10 -0.02 -2.24
CA PHE A 459 -30.47 -0.12 -3.54
C PHE A 459 -31.08 -1.28 -4.33
N SER A 460 -31.03 -1.14 -5.65
CA SER A 460 -31.48 -2.20 -6.55
C SER A 460 -30.34 -2.87 -7.32
N LEU A 461 -29.19 -2.22 -7.42
CA LEU A 461 -28.04 -2.79 -8.13
C LEU A 461 -26.76 -2.33 -7.46
N ILE A 462 -25.85 -3.27 -7.23
CA ILE A 462 -24.56 -2.99 -6.60
C ILE A 462 -23.47 -3.48 -7.53
N ILE A 463 -22.59 -2.57 -7.95
CA ILE A 463 -21.46 -2.91 -8.80
C ILE A 463 -20.20 -2.80 -7.97
N ILE A 464 -19.36 -3.82 -8.04
CA ILE A 464 -18.10 -3.85 -7.29
C ILE A 464 -16.98 -4.08 -8.29
N ASP A 465 -16.15 -3.06 -8.49
CA ASP A 465 -14.98 -3.18 -9.34
C ASP A 465 -13.80 -3.66 -8.51
N GLU A 466 -12.86 -4.35 -9.17
CA GLU A 466 -11.74 -4.98 -8.49
C GLU A 466 -12.25 -5.94 -7.42
N CYS A 467 -13.19 -6.80 -7.82
CA CYS A 467 -13.87 -7.69 -6.88
C CYS A 467 -12.94 -8.72 -6.27
N HIS A 468 -11.74 -8.92 -6.82
CA HIS A 468 -10.82 -9.90 -6.27
C HIS A 468 -10.39 -9.56 -4.85
N HIS A 469 -10.57 -8.31 -4.43
CA HIS A 469 -10.20 -7.91 -3.08
C HIS A 469 -11.19 -8.40 -2.02
N THR A 470 -12.33 -8.94 -2.42
CA THR A 470 -13.33 -9.40 -1.46
C THR A 470 -12.87 -10.71 -0.82
N ASN A 471 -12.09 -10.61 0.26
CA ASN A 471 -11.55 -11.80 0.90
C ASN A 471 -11.29 -11.51 2.38
N LYS A 472 -11.20 -12.58 3.15
CA LYS A 472 -10.96 -12.48 4.59
C LYS A 472 -11.93 -11.48 5.22
N GLU A 473 -11.44 -10.28 5.53
CA GLU A 473 -12.22 -9.27 6.23
C GLU A 473 -12.00 -7.88 5.65
N ALA A 474 -11.86 -7.79 4.32
CA ALA A 474 -11.88 -6.49 3.67
C ALA A 474 -13.28 -5.89 3.75
N VAL A 475 -13.37 -4.59 3.46
CA VAL A 475 -14.66 -3.91 3.54
C VAL A 475 -15.67 -4.56 2.61
N TYR A 476 -15.26 -4.87 1.38
CA TYR A 476 -16.15 -5.56 0.46
C TYR A 476 -16.68 -6.83 1.11
N ASN A 477 -15.81 -7.58 1.78
CA ASN A 477 -16.22 -8.83 2.40
C ASN A 477 -17.22 -8.57 3.51
N ASN A 478 -17.04 -7.51 4.29
CA ASN A 478 -17.99 -7.21 5.36
C ASN A 478 -19.36 -6.86 4.79
N ILE A 479 -19.39 -6.04 3.74
CA ILE A 479 -20.66 -5.67 3.12
C ILE A 479 -21.37 -6.91 2.59
N MET A 480 -20.62 -7.77 1.89
CA MET A 480 -21.24 -8.97 1.35
C MET A 480 -21.57 -9.98 2.44
N ARG A 481 -20.89 -9.93 3.57
CA ARG A 481 -21.29 -10.75 4.71
C ARG A 481 -22.64 -10.31 5.23
N ARG A 482 -22.87 -9.01 5.34
CA ARG A 482 -24.20 -8.52 5.69
C ARG A 482 -25.22 -8.97 4.65
N TYR A 483 -24.86 -8.88 3.37
CA TYR A 483 -25.78 -9.32 2.32
C TYR A 483 -26.13 -10.79 2.47
N LEU A 484 -25.13 -11.63 2.73
CA LEU A 484 -25.37 -13.06 2.89
C LEU A 484 -26.21 -13.35 4.13
N LYS A 485 -25.97 -12.63 5.22
CA LYS A 485 -26.80 -12.81 6.40
C LYS A 485 -28.25 -12.46 6.09
N GLN A 486 -28.47 -11.37 5.35
CA GLN A 486 -29.83 -11.03 4.95
C GLN A 486 -30.44 -12.12 4.08
N LYS A 487 -29.63 -12.69 3.16
CA LYS A 487 -30.14 -13.77 2.32
C LYS A 487 -30.53 -14.98 3.14
N LEU A 488 -29.72 -15.35 4.12
CA LEU A 488 -30.05 -16.49 4.97
C LEU A 488 -31.32 -16.22 5.77
N ARG A 489 -31.46 -14.98 6.28
CA ARG A 489 -32.68 -14.64 6.99
C ARG A 489 -33.90 -14.74 6.08
N ASN A 490 -33.76 -14.28 4.83
CA ASN A 490 -34.86 -14.41 3.87
C ASN A 490 -35.18 -15.88 3.60
N ASN A 491 -34.16 -16.71 3.44
CA ASN A 491 -34.38 -18.13 3.21
C ASN A 491 -35.13 -18.76 4.38
N ASP A 492 -34.74 -18.39 5.61
CA ASP A 492 -35.48 -18.87 6.78
C ASP A 492 -36.93 -18.40 6.73
N LEU A 493 -37.14 -17.10 6.53
CA LEU A 493 -38.49 -16.56 6.50
C LEU A 493 -39.33 -17.16 5.39
N LYS A 494 -38.71 -17.76 4.37
CA LYS A 494 -39.47 -18.34 3.28
C LYS A 494 -40.55 -19.28 3.78
N LYS A 495 -40.20 -20.21 4.67
CA LYS A 495 -41.18 -21.15 5.21
C LYS A 495 -42.08 -20.50 6.24
N GLN A 496 -41.51 -19.59 7.03
CA GLN A 496 -42.22 -18.79 8.02
C GLN A 496 -42.70 -17.51 7.36
N ASN A 497 -43.09 -16.52 8.16
CA ASN A 497 -43.80 -15.37 7.62
C ASN A 497 -43.19 -14.89 6.31
N LYS A 498 -44.05 -14.37 5.45
CA LYS A 498 -43.71 -13.84 4.15
C LYS A 498 -44.40 -12.49 4.02
N PRO A 499 -43.90 -11.62 3.13
CA PRO A 499 -42.80 -11.76 2.18
C PRO A 499 -41.40 -11.64 2.79
N ALA A 500 -40.39 -12.11 2.07
CA ALA A 500 -39.01 -11.95 2.50
C ALA A 500 -38.48 -10.57 2.08
N ILE A 501 -37.33 -10.21 2.62
CA ILE A 501 -36.74 -8.90 2.33
C ILE A 501 -36.10 -8.95 0.95
N PRO A 502 -36.43 -8.03 0.05
CA PRO A 502 -35.77 -8.02 -1.26
C PRO A 502 -34.31 -7.62 -1.14
N LEU A 503 -33.50 -8.08 -2.09
CA LEU A 503 -32.09 -7.77 -2.14
C LEU A 503 -31.69 -7.30 -3.53
N PRO A 504 -30.67 -6.46 -3.62
CA PRO A 504 -30.25 -5.95 -4.94
C PRO A 504 -29.43 -6.98 -5.71
N GLN A 505 -29.37 -6.76 -7.03
CA GLN A 505 -28.49 -7.56 -7.87
C GLN A 505 -27.05 -7.14 -7.64
N ILE A 506 -26.14 -8.08 -7.89
CA ILE A 506 -24.71 -7.90 -7.61
C ILE A 506 -23.93 -8.17 -8.89
N LEU A 507 -23.10 -7.21 -9.28
CA LEU A 507 -22.26 -7.34 -10.47
C LEU A 507 -20.82 -7.06 -10.08
N GLY A 508 -19.96 -8.08 -10.17
CA GLY A 508 -18.55 -7.93 -9.88
C GLY A 508 -17.73 -7.83 -11.15
N LEU A 509 -16.71 -6.98 -11.12
CA LEU A 509 -15.81 -6.78 -12.25
C LEU A 509 -14.39 -7.07 -11.82
N THR A 510 -13.62 -7.73 -12.69
CA THR A 510 -12.22 -7.99 -12.41
C THR A 510 -11.56 -8.48 -13.69
N ALA A 511 -10.28 -8.83 -13.57
CA ALA A 511 -9.52 -9.37 -14.70
C ALA A 511 -8.84 -10.67 -14.31
N SER A 512 -8.49 -10.80 -13.03
CA SER A 512 -7.81 -11.99 -12.53
C SER A 512 -8.15 -12.17 -11.05
N PRO A 513 -9.10 -13.04 -10.72
CA PRO A 513 -9.43 -13.25 -9.30
C PRO A 513 -8.30 -13.87 -8.50
N GLY A 514 -7.30 -14.48 -9.14
CA GLY A 514 -6.16 -15.02 -8.44
C GLY A 514 -6.44 -16.40 -7.86
N VAL A 515 -5.44 -16.91 -7.14
CA VAL A 515 -5.52 -18.25 -6.55
C VAL A 515 -5.16 -18.19 -5.08
N GLY A 516 -4.65 -17.06 -4.61
CA GLY A 516 -4.23 -17.00 -3.23
C GLY A 516 -3.07 -17.95 -2.98
N ALA A 517 -3.06 -18.53 -1.79
CA ALA A 517 -2.02 -19.49 -1.40
C ALA A 517 -2.50 -20.89 -1.80
N ALA A 518 -2.37 -21.17 -3.10
CA ALA A 518 -2.79 -22.43 -3.69
C ALA A 518 -1.57 -23.21 -4.15
N LYS A 519 -1.48 -24.48 -3.76
CA LYS A 519 -0.39 -25.35 -4.16
C LYS A 519 -0.84 -26.51 -5.03
N LYS A 520 -2.14 -26.66 -5.27
CA LYS A 520 -2.66 -27.72 -6.13
C LYS A 520 -3.87 -27.19 -6.88
N GLN A 521 -4.21 -27.88 -7.97
CA GLN A 521 -5.39 -27.49 -8.75
C GLN A 521 -6.61 -27.41 -7.86
N SER A 522 -6.80 -28.39 -6.97
CA SER A 522 -7.95 -28.39 -6.08
C SER A 522 -7.96 -27.14 -5.20
N GLU A 523 -6.79 -26.68 -4.77
CA GLU A 523 -6.73 -25.47 -3.97
C GLU A 523 -7.21 -24.27 -4.76
N ALA A 524 -6.81 -24.17 -6.03
CA ALA A 524 -7.31 -23.08 -6.87
C ALA A 524 -8.82 -23.17 -7.04
N GLU A 525 -9.34 -24.38 -7.24
CA GLU A 525 -10.78 -24.55 -7.36
C GLU A 525 -11.48 -24.08 -6.10
N LYS A 526 -10.95 -24.45 -4.94
CA LYS A 526 -11.54 -24.03 -3.67
C LYS A 526 -11.50 -22.52 -3.53
N HIS A 527 -10.39 -21.90 -3.93
CA HIS A 527 -10.28 -20.44 -3.82
C HIS A 527 -11.31 -19.75 -4.72
N ILE A 528 -11.47 -20.24 -5.95
CA ILE A 528 -12.46 -19.65 -6.86
C ILE A 528 -13.86 -19.83 -6.30
N LEU A 529 -14.17 -21.00 -5.76
CA LEU A 529 -15.47 -21.22 -5.16
C LEU A 529 -15.70 -20.30 -3.98
N ASN A 530 -14.65 -20.07 -3.17
CA ASN A 530 -14.78 -19.15 -2.05
C ASN A 530 -15.08 -17.73 -2.53
N ILE A 531 -14.39 -17.28 -3.58
CA ILE A 531 -14.67 -15.96 -4.12
C ILE A 531 -16.12 -15.88 -4.60
N CYS A 532 -16.56 -16.90 -5.33
CA CYS A 532 -17.93 -16.91 -5.83
C CYS A 532 -18.93 -16.84 -4.69
N ALA A 533 -18.70 -17.63 -3.65
CA ALA A 533 -19.62 -17.63 -2.51
C ALA A 533 -19.62 -16.29 -1.81
N ASN A 534 -18.45 -15.67 -1.66
CA ASN A 534 -18.38 -14.36 -1.02
C ASN A 534 -19.17 -13.34 -1.80
N LEU A 535 -19.07 -13.35 -3.13
CA LEU A 535 -19.77 -12.38 -3.95
C LEU A 535 -21.17 -12.82 -4.36
N ASP A 536 -21.58 -14.03 -4.02
CA ASP A 536 -22.90 -14.54 -4.40
C ASP A 536 -23.08 -14.48 -5.92
N ALA A 537 -22.24 -15.23 -6.62
CA ALA A 537 -22.18 -15.19 -8.08
C ALA A 537 -22.80 -16.47 -8.65
N PHE A 538 -23.68 -16.29 -9.63
CA PHE A 538 -24.25 -17.43 -10.33
C PHE A 538 -23.20 -18.13 -11.20
N THR A 539 -22.31 -17.35 -11.82
CA THR A 539 -21.29 -17.90 -12.70
C THR A 539 -20.22 -16.84 -12.92
N ILE A 540 -19.25 -17.16 -13.78
CA ILE A 540 -18.13 -16.29 -14.07
C ILE A 540 -18.31 -15.58 -15.41
N LYS A 541 -18.81 -16.27 -16.41
CA LYS A 541 -19.05 -15.70 -17.74
C LYS A 541 -17.76 -15.11 -18.32
N THR A 542 -16.79 -15.98 -18.55
CA THR A 542 -15.57 -15.61 -19.24
C THR A 542 -15.74 -15.83 -20.74
N VAL A 543 -15.05 -15.00 -21.53
CA VAL A 543 -15.16 -15.09 -22.98
C VAL A 543 -14.74 -16.47 -23.43
N LYS A 544 -15.58 -17.10 -24.26
CA LYS A 544 -15.29 -18.43 -24.78
C LYS A 544 -15.55 -18.60 -26.27
N GLU A 545 -16.21 -17.64 -26.92
CA GLU A 545 -16.57 -17.77 -28.32
C GLU A 545 -15.82 -16.79 -29.21
N ASN A 546 -15.89 -15.50 -28.90
CA ASN A 546 -15.22 -14.48 -29.71
C ASN A 546 -13.78 -14.27 -29.25
N LEU A 547 -13.03 -15.36 -29.14
CA LEU A 547 -11.64 -15.27 -28.71
C LEU A 547 -10.77 -14.62 -29.78
N GLY A 548 -11.02 -14.95 -31.05
CA GLY A 548 -10.21 -14.39 -32.12
C GLY A 548 -10.34 -12.89 -32.24
N GLN A 549 -11.58 -12.38 -32.18
CA GLN A 549 -11.77 -10.94 -32.27
C GLN A 549 -11.10 -10.23 -31.10
N LEU A 550 -11.26 -10.78 -29.89
CA LEU A 550 -10.64 -10.18 -28.71
C LEU A 550 -9.13 -10.15 -28.87
N LYS A 551 -8.55 -11.26 -29.32
CA LYS A 551 -7.10 -11.31 -29.51
C LYS A 551 -6.65 -10.31 -30.56
N HIS A 552 -7.37 -10.22 -31.68
CA HIS A 552 -7.04 -9.24 -32.71
C HIS A 552 -6.99 -7.85 -32.12
N GLN A 553 -8.02 -7.49 -31.35
CA GLN A 553 -8.08 -6.18 -30.73
C GLN A 553 -6.94 -5.98 -29.74
N ILE A 554 -7.02 -6.66 -28.60
CA ILE A 554 -6.03 -6.54 -27.55
C ILE A 554 -5.03 -7.67 -27.74
N LYS A 555 -3.76 -7.30 -27.86
CA LYS A 555 -2.70 -8.23 -28.20
C LYS A 555 -1.65 -8.20 -27.09
N GLU A 556 -1.21 -9.37 -26.70
CA GLU A 556 -0.22 -9.47 -25.65
C GLU A 556 1.15 -9.11 -26.18
N PRO A 557 2.04 -8.60 -25.33
CA PRO A 557 3.41 -8.30 -25.78
C PRO A 557 4.24 -9.56 -25.88
N CYS A 558 5.54 -9.42 -26.15
CA CYS A 558 6.48 -10.52 -26.04
C CYS A 558 7.23 -10.39 -24.71
N LYS A 559 7.42 -11.54 -24.06
CA LYS A 559 8.04 -11.59 -22.75
C LYS A 559 9.53 -11.83 -22.91
N LYS A 560 10.32 -11.12 -22.09
CA LYS A 560 11.77 -11.20 -22.18
C LYS A 560 12.37 -11.20 -20.79
N PHE A 561 13.41 -12.01 -20.61
CA PHE A 561 14.15 -12.09 -19.35
C PHE A 561 15.56 -11.60 -19.58
N VAL A 562 16.04 -10.72 -18.70
CA VAL A 562 17.40 -10.22 -18.73
C VAL A 562 18.08 -10.73 -17.46
N ILE A 563 19.16 -11.49 -17.63
CA ILE A 563 19.91 -12.06 -16.54
C ILE A 563 21.29 -11.41 -16.52
N ALA A 564 21.70 -10.94 -15.35
CA ALA A 564 22.98 -10.27 -15.20
C ALA A 564 23.80 -10.95 -14.11
N ASP A 565 25.09 -11.13 -14.39
CA ASP A 565 26.00 -11.80 -13.48
C ASP A 565 27.27 -10.97 -13.34
N ASP A 566 27.93 -11.11 -12.19
CA ASP A 566 29.13 -10.34 -11.91
C ASP A 566 29.99 -11.08 -10.88
N THR A 567 31.30 -10.89 -11.01
CA THR A 567 32.27 -11.41 -10.05
C THR A 567 33.31 -10.33 -9.74
N ARG A 568 32.85 -9.10 -9.58
CA ARG A 568 33.72 -7.94 -9.45
C ARG A 568 33.03 -6.93 -8.54
N GLU A 569 33.46 -5.68 -8.60
CA GLU A 569 32.97 -4.63 -7.70
C GLU A 569 33.41 -4.91 -6.27
N ASN A 570 34.66 -5.36 -6.12
CA ASN A 570 35.15 -5.76 -4.80
C ASN A 570 35.41 -4.56 -3.91
N PRO A 571 36.27 -3.59 -4.28
CA PRO A 571 36.86 -2.69 -3.29
C PRO A 571 35.89 -2.06 -2.30
N PHE A 572 34.85 -1.40 -2.81
CA PHE A 572 33.93 -0.70 -1.91
C PHE A 572 33.21 -1.69 -0.99
N LYS A 573 32.74 -2.81 -1.54
CA LYS A 573 32.03 -3.78 -0.72
C LYS A 573 32.96 -4.37 0.34
N GLU A 574 34.20 -4.67 -0.04
CA GLU A 574 35.16 -5.20 0.93
C GLU A 574 35.45 -4.19 2.03
N LYS A 575 35.56 -2.91 1.67
CA LYS A 575 35.78 -1.87 2.67
C LYS A 575 34.59 -1.80 3.63
N LEU A 576 33.37 -1.86 3.09
CA LEU A 576 32.18 -1.91 3.93
C LEU A 576 32.25 -3.09 4.88
N LEU A 577 32.61 -4.27 4.36
CA LEU A 577 32.65 -5.47 5.16
C LEU A 577 33.69 -5.36 6.28
N GLU A 578 34.86 -4.80 5.97
CA GLU A 578 35.90 -4.75 6.99
C GLU A 578 35.59 -3.71 8.06
N ILE A 579 34.97 -2.58 7.69
CA ILE A 579 34.54 -1.66 8.74
C ILE A 579 33.44 -2.29 9.59
N MET A 580 32.56 -3.06 8.96
CA MET A 580 31.54 -3.80 9.71
C MET A 580 32.19 -4.76 10.70
N ALA A 581 33.22 -5.48 10.24
CA ALA A 581 33.93 -6.39 11.14
C ALA A 581 34.58 -5.63 12.28
N SER A 582 35.18 -4.48 11.99
CA SER A 582 35.79 -3.68 13.05
C SER A 582 34.77 -3.30 14.10
N ILE A 583 33.63 -2.75 13.68
CA ILE A 583 32.62 -2.34 14.65
C ILE A 583 32.09 -3.54 15.41
N GLN A 584 31.93 -4.68 14.73
CA GLN A 584 31.39 -5.87 15.39
C GLN A 584 32.35 -6.37 16.47
N THR A 585 33.64 -6.43 16.16
CA THR A 585 34.62 -6.88 17.14
C THR A 585 34.90 -5.83 18.21
N TYR A 586 34.49 -4.58 17.98
CA TYR A 586 34.56 -3.61 19.06
C TYR A 586 33.69 -4.03 20.24
N CYS A 587 32.51 -4.57 19.95
CA CYS A 587 31.56 -4.96 20.99
C CYS A 587 31.64 -6.45 21.31
N GLN A 588 32.62 -7.16 20.76
CA GLN A 588 32.76 -8.60 21.01
C GLN A 588 31.46 -9.34 20.70
N LYS A 589 30.84 -8.96 19.59
CA LYS A 589 29.59 -9.57 19.14
C LYS A 589 29.78 -10.07 17.71
N SER A 590 29.88 -11.38 17.54
CA SER A 590 29.95 -12.00 16.22
C SER A 590 28.62 -12.67 15.93
N PRO A 591 27.78 -12.13 15.06
CA PRO A 591 26.45 -12.69 14.86
C PRO A 591 26.52 -14.05 14.16
N MET A 592 25.47 -14.84 14.36
CA MET A 592 25.41 -16.15 13.76
C MET A 592 25.15 -16.08 12.26
N SER A 593 24.78 -14.93 11.73
CA SER A 593 24.47 -14.76 10.31
C SER A 593 25.57 -13.97 9.62
N ASP A 594 25.44 -13.88 8.30
CA ASP A 594 26.43 -13.20 7.46
C ASP A 594 25.99 -11.76 7.21
N PHE A 595 26.69 -11.06 6.33
CA PHE A 595 26.45 -9.65 6.07
C PHE A 595 25.60 -9.48 4.82
N GLY A 596 24.72 -8.49 4.84
CA GLY A 596 23.96 -8.13 3.66
C GLY A 596 22.69 -8.93 3.42
N THR A 597 22.13 -9.55 4.45
CA THR A 597 20.92 -10.35 4.31
C THR A 597 19.88 -9.88 5.33
N GLN A 598 18.62 -10.19 5.01
CA GLN A 598 17.53 -9.80 5.91
C GLN A 598 17.70 -10.44 7.27
N HIS A 599 18.32 -11.62 7.34
CA HIS A 599 18.51 -12.25 8.64
C HIS A 599 19.43 -11.39 9.50
N TYR A 600 20.45 -10.79 8.89
CA TYR A 600 21.31 -9.87 9.64
C TYR A 600 20.54 -8.68 10.16
N GLU A 601 19.66 -8.11 9.34
CA GLU A 601 18.86 -6.97 9.80
C GLU A 601 17.96 -7.38 10.96
N GLN A 602 17.37 -8.56 10.88
CA GLN A 602 16.50 -9.02 11.96
C GLN A 602 17.30 -9.23 13.25
N TRP A 603 18.49 -9.83 13.14
CA TRP A 603 19.32 -10.00 14.33
C TRP A 603 19.72 -8.66 14.92
N ALA A 604 20.07 -7.71 14.07
CA ALA A 604 20.43 -6.38 14.55
C ALA A 604 19.25 -5.73 15.27
N ILE A 605 18.05 -5.88 14.72
CA ILE A 605 16.87 -5.31 15.37
C ILE A 605 16.63 -5.97 16.71
N GLN A 606 16.82 -7.29 16.78
CA GLN A 606 16.61 -7.97 18.06
C GLN A 606 17.64 -7.53 19.09
N MET A 607 18.91 -7.41 18.68
CA MET A 607 19.95 -6.99 19.61
C MET A 607 19.73 -5.56 20.08
N GLU A 608 19.39 -4.65 19.16
CA GLU A 608 19.10 -3.28 19.59
C GLU A 608 17.92 -3.23 20.53
N LYS A 609 16.88 -4.03 20.26
CA LYS A 609 15.73 -4.03 21.16
C LYS A 609 16.11 -4.52 22.54
N LYS A 610 16.88 -5.60 22.62
CA LYS A 610 17.28 -6.13 23.91
C LYS A 610 18.17 -5.14 24.65
N ALA A 611 19.11 -4.51 23.95
CA ALA A 611 19.97 -3.52 24.58
C ALA A 611 19.17 -2.35 25.11
N ALA A 612 18.20 -1.87 24.32
CA ALA A 612 17.37 -0.76 24.77
C ALA A 612 16.56 -1.15 26.00
N LYS A 613 16.00 -2.37 26.00
CA LYS A 613 15.23 -2.81 27.16
C LYS A 613 16.12 -2.90 28.40
N ASP A 614 17.32 -3.45 28.25
CA ASP A 614 18.24 -3.56 29.37
C ASP A 614 18.89 -2.22 29.72
N GLY A 615 18.79 -1.22 28.85
CA GLY A 615 19.40 0.07 29.10
C GLY A 615 20.91 0.10 28.89
N ASN A 616 21.48 -0.96 28.35
CA ASN A 616 22.93 -1.03 28.16
C ASN A 616 23.30 -0.32 26.87
N ARG A 617 23.89 0.87 26.99
CA ARG A 617 24.38 1.58 25.82
C ARG A 617 25.63 0.87 25.29
N LYS A 618 26.21 1.44 24.23
CA LYS A 618 27.37 0.90 23.53
C LYS A 618 26.99 -0.32 22.70
N ASP A 619 25.73 -0.75 22.74
CA ASP A 619 25.21 -1.84 21.92
C ASP A 619 24.01 -1.41 21.09
N ARG A 620 23.13 -0.58 21.65
CA ARG A 620 22.00 -0.07 20.89
C ARG A 620 22.47 0.73 19.68
N VAL A 621 23.38 1.69 19.91
CA VAL A 621 23.90 2.49 18.81
C VAL A 621 24.71 1.63 17.86
N CYS A 622 25.47 0.67 18.41
CA CYS A 622 26.23 -0.24 17.56
C CYS A 622 25.31 -1.03 16.64
N ALA A 623 24.23 -1.55 17.20
CA ALA A 623 23.26 -2.29 16.39
C ALA A 623 22.63 -1.39 15.34
N GLU A 624 22.29 -0.15 15.72
CA GLU A 624 21.67 0.77 14.77
C GLU A 624 22.59 1.07 13.60
N HIS A 625 23.88 1.32 13.90
CA HIS A 625 24.82 1.61 12.83
C HIS A 625 25.07 0.37 11.97
N LEU A 626 25.09 -0.81 12.58
CA LEU A 626 25.21 -2.03 11.81
C LEU A 626 24.03 -2.20 10.86
N ARG A 627 22.82 -1.88 11.35
CA ARG A 627 21.64 -1.94 10.49
C ARG A 627 21.75 -0.96 9.34
N LYS A 628 22.24 0.26 9.62
CA LYS A 628 22.43 1.23 8.55
C LYS A 628 23.41 0.73 7.51
N TYR A 629 24.52 0.13 7.96
CA TYR A 629 25.49 -0.42 7.01
C TYR A 629 24.88 -1.55 6.20
N ASN A 630 24.05 -2.38 6.82
CA ASN A 630 23.39 -3.45 6.09
C ASN A 630 22.46 -2.89 5.02
N GLU A 631 21.70 -1.85 5.36
CA GLU A 631 20.84 -1.23 4.36
C GLU A 631 21.66 -0.67 3.21
N ALA A 632 22.80 -0.03 3.54
CA ALA A 632 23.65 0.51 2.49
C ALA A 632 24.19 -0.59 1.58
N LEU A 633 24.58 -1.72 2.17
CA LEU A 633 25.07 -2.83 1.36
C LEU A 633 23.98 -3.36 0.45
N GLN A 634 22.75 -3.46 0.95
CA GLN A 634 21.64 -3.88 0.10
C GLN A 634 21.45 -2.91 -1.07
N ILE A 635 21.44 -1.60 -0.75
CA ILE A 635 21.28 -0.59 -1.79
C ILE A 635 22.36 -0.73 -2.85
N ASN A 636 23.62 -0.91 -2.40
CA ASN A 636 24.70 -1.12 -3.34
C ASN A 636 24.48 -2.37 -4.17
N ASP A 637 23.96 -3.44 -3.55
CA ASP A 637 23.63 -4.64 -4.29
C ASP A 637 22.62 -4.37 -5.38
N THR A 638 21.81 -3.32 -5.23
CA THR A 638 20.83 -3.00 -6.27
C THR A 638 21.23 -1.82 -7.16
N ILE A 639 21.76 -0.73 -6.61
CA ILE A 639 22.00 0.47 -7.40
C ILE A 639 23.40 1.02 -7.13
N ARG A 640 23.70 2.18 -7.70
CA ARG A 640 25.06 2.73 -7.65
C ARG A 640 25.57 2.81 -6.23
N MET A 641 26.90 2.94 -6.12
CA MET A 641 27.54 3.06 -4.82
C MET A 641 27.29 4.44 -4.21
N ILE A 642 27.20 5.47 -5.05
CA ILE A 642 27.00 6.83 -4.55
C ILE A 642 25.69 6.93 -3.78
N ASP A 643 24.70 6.12 -4.12
CA ASP A 643 23.45 6.12 -3.37
C ASP A 643 23.68 5.71 -1.92
N ALA A 644 24.41 4.61 -1.71
CA ALA A 644 24.72 4.18 -0.36
C ALA A 644 25.58 5.20 0.36
N TYR A 645 26.56 5.80 -0.35
CA TYR A 645 27.40 6.81 0.27
C TYR A 645 26.54 7.99 0.73
N SER A 646 25.59 8.42 -0.10
CA SER A 646 24.69 9.50 0.27
C SER A 646 23.87 9.13 1.50
N HIS A 647 23.37 7.89 1.55
CA HIS A 647 22.60 7.44 2.72
C HIS A 647 23.42 7.57 3.99
N LEU A 648 24.65 7.05 3.97
CA LEU A 648 25.51 7.12 5.15
C LEU A 648 25.81 8.56 5.53
N GLU A 649 26.16 9.40 4.56
CA GLU A 649 26.54 10.76 4.92
C GLU A 649 25.34 11.52 5.45
N THR A 650 24.14 11.26 4.93
CA THR A 650 22.96 11.91 5.47
C THR A 650 22.78 11.55 6.93
N PHE A 651 22.83 10.25 7.23
CA PHE A 651 22.65 9.83 8.62
C PHE A 651 23.72 10.46 9.53
N TYR A 652 24.98 10.42 9.09
CA TYR A 652 26.06 10.87 9.96
C TYR A 652 26.06 12.39 10.12
N THR A 653 25.75 13.13 9.05
CA THR A 653 25.63 14.57 9.16
C THR A 653 24.49 14.95 10.10
N ASP A 654 23.37 14.23 10.02
CA ASP A 654 22.28 14.50 10.95
C ASP A 654 22.73 14.27 12.38
N GLU A 655 23.47 13.19 12.63
CA GLU A 655 23.95 12.94 14.00
C GLU A 655 24.87 14.05 14.47
N LYS A 656 25.82 14.46 13.63
CA LYS A 656 26.74 15.52 14.02
C LYS A 656 26.01 16.82 14.29
N GLU A 657 25.03 17.17 13.45
CA GLU A 657 24.26 18.38 13.68
C GLU A 657 23.49 18.30 14.99
N LYS A 658 22.90 17.14 15.28
CA LYS A 658 22.17 16.99 16.54
C LYS A 658 23.11 17.18 17.73
N LYS A 659 24.28 16.55 17.69
CA LYS A 659 25.22 16.67 18.80
C LYS A 659 25.68 18.12 18.96
N PHE A 660 26.00 18.80 17.86
CA PHE A 660 26.46 20.19 17.96
C PHE A 660 25.35 21.08 18.50
N ALA A 661 24.11 20.87 18.04
CA ALA A 661 23.01 21.67 18.55
C ALA A 661 22.81 21.45 20.05
N VAL A 662 22.94 20.20 20.49
CA VAL A 662 22.84 19.92 21.92
C VAL A 662 23.93 20.65 22.69
N LEU A 663 25.16 20.60 22.18
CA LEU A 663 26.28 21.26 22.84
C LEU A 663 26.24 22.78 22.68
N ASN A 664 25.35 23.30 21.85
CA ASN A 664 25.23 24.74 21.67
C ASN A 664 24.86 25.42 22.98
N LEU A 670 31.37 20.06 29.49
CA LEU A 670 30.68 19.14 28.60
C LEU A 670 31.24 17.72 28.74
N LYS A 671 30.35 16.73 28.78
CA LYS A 671 30.74 15.33 28.89
C LYS A 671 30.26 14.59 27.65
N LEU A 672 31.15 13.81 27.04
CA LEU A 672 30.87 13.06 25.82
C LEU A 672 30.75 11.58 26.14
N ASP A 673 30.30 10.83 25.14
CA ASP A 673 30.15 9.38 25.24
C ASP A 673 31.09 8.74 24.23
N GLU A 674 32.07 7.99 24.73
CA GLU A 674 33.15 7.49 23.88
C GLU A 674 32.62 6.66 22.71
N THR A 675 31.47 6.00 22.88
CA THR A 675 30.97 5.13 21.83
C THR A 675 30.68 5.92 20.55
N ASP A 676 29.89 6.99 20.68
CA ASP A 676 29.61 7.84 19.54
C ASP A 676 30.90 8.45 19.00
N GLU A 677 31.85 8.76 19.87
CA GLU A 677 33.09 9.35 19.41
C GLU A 677 33.83 8.41 18.47
N PHE A 678 34.02 7.14 18.87
CA PHE A 678 34.80 6.28 18.00
C PHE A 678 34.00 5.93 16.75
N LEU A 679 32.67 5.84 16.86
CA LEU A 679 31.86 5.59 15.67
C LEU A 679 32.03 6.72 14.66
N MET A 680 31.93 7.97 15.13
CA MET A 680 32.07 9.11 14.23
C MET A 680 33.47 9.14 13.62
N ASN A 681 34.49 8.90 14.44
CA ASN A 681 35.86 8.91 13.93
C ASN A 681 36.07 7.83 12.89
N LEU A 682 35.53 6.63 13.14
CA LEU A 682 35.65 5.55 12.17
C LEU A 682 34.98 5.91 10.86
N PHE A 683 33.79 6.51 10.93
CA PHE A 683 33.12 6.93 9.69
C PHE A 683 33.95 7.98 8.95
N PHE A 684 34.44 8.98 9.67
CA PHE A 684 35.10 10.12 9.03
C PHE A 684 36.56 9.85 8.70
N ASP A 685 37.16 8.79 9.24
CA ASP A 685 38.52 8.43 8.86
C ASP A 685 38.60 7.77 7.50
N ASN A 686 37.46 7.41 6.90
CA ASN A 686 37.44 6.75 5.60
C ASN A 686 36.39 7.34 4.67
N LYS A 687 35.86 8.52 4.97
CA LYS A 687 34.87 9.13 4.09
C LYS A 687 35.48 9.42 2.72
N LYS A 688 36.68 9.98 2.69
CA LYS A 688 37.30 10.36 1.43
C LYS A 688 37.59 9.13 0.57
N MET A 689 38.12 8.06 1.17
CA MET A 689 38.41 6.86 0.41
C MET A 689 37.14 6.22 -0.13
N LEU A 690 36.07 6.23 0.68
CA LEU A 690 34.79 5.72 0.20
C LEU A 690 34.29 6.52 -0.99
N LYS A 691 34.38 7.85 -0.90
CA LYS A 691 33.95 8.69 -2.02
C LYS A 691 34.79 8.41 -3.26
N LYS A 692 36.10 8.26 -3.09
CA LYS A 692 36.96 7.97 -4.24
C LYS A 692 36.60 6.63 -4.87
N LEU A 693 36.35 5.61 -4.05
CA LEU A 693 36.01 4.30 -4.58
C LEU A 693 34.66 4.33 -5.30
N ALA A 694 33.70 5.10 -4.77
CA ALA A 694 32.37 5.11 -5.36
C ALA A 694 32.41 5.56 -6.81
N GLU A 695 33.26 6.53 -7.12
CA GLU A 695 33.39 7.03 -8.50
C GLU A 695 34.41 6.16 -9.22
N ASN A 696 33.93 5.14 -9.92
CA ASN A 696 34.79 4.24 -10.67
C ASN A 696 34.02 3.58 -11.79
N PRO A 697 34.04 4.13 -13.01
CA PRO A 697 33.36 3.46 -14.14
C PRO A 697 33.89 2.07 -14.44
N LYS A 698 35.02 1.66 -13.85
CA LYS A 698 35.56 0.34 -14.10
C LYS A 698 34.50 -0.74 -13.87
N TYR A 699 33.82 -0.67 -12.73
CA TYR A 699 32.76 -1.61 -12.38
C TYR A 699 31.64 -0.82 -11.73
N GLU A 700 30.67 -0.40 -12.54
CA GLU A 700 29.54 0.39 -12.05
C GLU A 700 28.36 -0.50 -11.67
N ASN A 701 27.79 -1.20 -12.65
CA ASN A 701 26.76 -2.20 -12.38
C ASN A 701 26.43 -2.89 -13.69
N GLU A 702 26.25 -4.21 -13.62
CA GLU A 702 25.80 -4.97 -14.78
C GLU A 702 24.32 -4.77 -15.06
N LYS A 703 23.49 -4.79 -14.00
CA LYS A 703 22.05 -4.62 -14.20
C LYS A 703 21.73 -3.27 -14.79
N LEU A 704 22.41 -2.22 -14.31
CA LEU A 704 22.15 -0.88 -14.84
C LEU A 704 22.58 -0.77 -16.29
N ILE A 705 23.69 -1.42 -16.66
CA ILE A 705 24.11 -1.42 -18.06
C ILE A 705 23.07 -2.12 -18.92
N LYS A 706 22.56 -3.26 -18.45
CA LYS A 706 21.54 -3.98 -19.21
C LYS A 706 20.29 -3.11 -19.38
N LEU A 707 19.87 -2.43 -18.32
CA LEU A 707 18.71 -1.56 -18.40
C LEU A 707 18.96 -0.41 -19.38
N ARG A 708 20.16 0.17 -19.34
CA ARG A 708 20.52 1.22 -20.29
C ARG A 708 20.35 0.72 -21.71
N ASN A 709 20.92 -0.45 -22.01
CA ASN A 709 20.85 -0.99 -23.36
C ASN A 709 19.40 -1.23 -23.77
N THR A 710 18.60 -1.80 -22.87
CA THR A 710 17.21 -2.08 -23.20
C THR A 710 16.46 -0.80 -23.54
N ILE A 711 16.57 0.21 -22.67
CA ILE A 711 15.86 1.47 -22.89
C ILE A 711 16.31 2.12 -24.19
N LEU A 712 17.62 2.15 -24.42
CA LEU A 712 18.13 2.80 -25.62
C LEU A 712 17.63 2.11 -26.88
N GLU A 713 17.67 0.77 -26.90
CA GLU A 713 17.20 0.04 -28.07
C GLU A 713 15.73 0.32 -28.34
N GLN A 714 14.91 0.25 -27.30
CA GLN A 714 13.48 0.49 -27.47
C GLN A 714 13.23 1.90 -28.02
N PHE A 715 13.81 2.91 -27.38
CA PHE A 715 13.51 4.28 -27.74
C PHE A 715 14.09 4.64 -29.11
N THR A 716 15.29 4.17 -29.43
CA THR A 716 15.84 4.45 -30.74
C THR A 716 15.02 3.76 -31.82
N ARG A 717 14.45 2.59 -31.54
CA ARG A 717 13.61 1.95 -32.55
C ARG A 717 12.25 2.62 -32.69
N SER A 718 11.77 3.35 -31.69
CA SER A 718 10.43 3.93 -31.76
C SER A 718 10.34 5.26 -32.51
N GLU A 719 11.43 5.77 -33.06
CA GLU A 719 11.46 7.09 -33.73
C GLU A 719 10.57 8.11 -33.02
N GLU A 720 10.71 8.18 -31.70
CA GLU A 720 9.96 9.15 -30.89
C GLU A 720 8.48 8.81 -30.85
N SER A 721 8.15 7.52 -30.73
CA SER A 721 6.76 7.08 -30.64
C SER A 721 6.63 5.97 -29.60
N SER A 722 7.25 6.16 -28.44
CA SER A 722 7.25 5.15 -27.39
C SER A 722 7.00 5.76 -26.03
N ARG A 723 6.47 4.94 -25.13
CA ARG A 723 6.27 5.31 -23.74
C ARG A 723 6.54 4.07 -22.89
N GLY A 724 7.01 4.29 -21.66
CA GLY A 724 7.54 3.19 -20.87
C GLY A 724 7.20 3.30 -19.39
N ILE A 725 7.14 2.12 -18.76
CA ILE A 725 6.90 2.02 -17.33
C ILE A 725 7.96 1.10 -16.73
N ILE A 726 8.49 1.47 -15.56
CA ILE A 726 9.47 0.68 -14.84
C ILE A 726 8.97 0.48 -13.42
N PHE A 727 8.74 -0.78 -13.05
CA PHE A 727 8.26 -1.13 -11.73
C PHE A 727 9.44 -1.51 -10.85
N THR A 728 9.60 -0.81 -9.73
CA THR A 728 10.72 -0.99 -8.83
C THR A 728 10.19 -1.12 -7.40
N LYS A 729 11.00 -1.77 -6.56
CA LYS A 729 10.52 -2.17 -5.24
C LYS A 729 10.34 -0.98 -4.30
N THR A 730 11.32 -0.09 -4.23
CA THR A 730 11.39 0.92 -3.18
C THR A 730 11.33 2.32 -3.78
N ARG A 731 11.31 3.31 -2.89
CA ARG A 731 11.19 4.72 -3.25
C ARG A 731 12.56 5.36 -3.51
N GLN A 732 13.49 5.20 -2.57
CA GLN A 732 14.84 5.69 -2.79
C GLN A 732 15.39 5.15 -4.10
N SER A 733 15.03 3.92 -4.44
CA SER A 733 15.43 3.37 -5.73
C SER A 733 14.85 4.18 -6.88
N THR A 734 13.58 4.59 -6.78
CA THR A 734 12.99 5.40 -7.84
C THR A 734 13.72 6.72 -7.98
N TYR A 735 14.01 7.39 -6.86
CA TYR A 735 14.74 8.64 -6.94
C TYR A 735 16.12 8.45 -7.56
N ALA A 736 16.83 7.40 -7.14
CA ALA A 736 18.16 7.15 -7.68
C ALA A 736 18.10 6.89 -9.18
N LEU A 737 17.15 6.08 -9.62
CA LEU A 737 17.02 5.80 -11.04
C LEU A 737 16.72 7.06 -11.83
N SER A 738 15.81 7.89 -11.32
CA SER A 738 15.46 9.12 -12.01
C SER A 738 16.67 10.03 -12.16
N GLN A 739 17.37 10.30 -11.06
CA GLN A 739 18.52 11.20 -11.13
C GLN A 739 19.62 10.61 -12.00
N TRP A 740 19.87 9.31 -11.88
CA TRP A 740 20.81 8.64 -12.78
C TRP A 740 20.44 8.88 -14.24
N ILE A 741 19.15 8.78 -14.56
CA ILE A 741 18.71 9.00 -15.92
C ILE A 741 19.03 10.43 -16.35
N MET A 742 18.75 11.40 -15.48
CA MET A 742 19.02 12.79 -15.86
C MET A 742 20.51 13.10 -15.97
N GLU A 743 21.37 12.34 -15.29
CA GLU A 743 22.81 12.62 -15.39
C GLU A 743 23.40 12.18 -16.73
N ASN A 744 22.72 11.32 -17.48
CA ASN A 744 23.24 10.80 -18.74
C ASN A 744 22.59 11.54 -19.90
N ALA A 745 23.43 11.99 -20.85
CA ALA A 745 22.93 12.78 -21.97
C ALA A 745 22.37 11.93 -23.11
N LYS A 746 22.65 10.63 -23.11
CA LYS A 746 22.12 9.78 -24.18
C LYS A 746 20.61 9.67 -24.11
N PHE A 747 20.05 9.60 -22.89
CA PHE A 747 18.60 9.55 -22.75
C PHE A 747 17.95 10.80 -23.33
N ALA A 748 18.53 11.97 -23.05
CA ALA A 748 18.00 13.20 -23.63
C ALA A 748 18.18 13.21 -25.15
N GLU A 749 19.32 12.73 -25.62
CA GLU A 749 19.58 12.73 -27.06
C GLU A 749 18.55 11.89 -27.81
N VAL A 750 18.25 10.70 -27.28
CA VAL A 750 17.25 9.86 -27.92
C VAL A 750 15.85 10.42 -27.72
N GLY A 751 15.66 11.29 -26.74
CA GLY A 751 14.36 11.90 -26.50
C GLY A 751 13.61 11.26 -25.35
N VAL A 752 14.31 11.00 -24.24
CA VAL A 752 13.73 10.37 -23.07
C VAL A 752 13.49 11.43 -22.00
N LYS A 753 12.26 11.50 -21.51
CA LYS A 753 11.87 12.38 -20.41
C LYS A 753 11.21 11.52 -19.35
N ALA A 754 11.90 11.33 -18.23
CA ALA A 754 11.50 10.37 -17.21
C ALA A 754 10.95 11.10 -15.99
N HIS A 755 10.05 10.43 -15.27
CA HIS A 755 9.56 10.95 -14.00
C HIS A 755 9.26 9.79 -13.06
N HIS A 756 9.25 10.09 -11.77
CA HIS A 756 9.05 9.09 -10.73
C HIS A 756 7.65 9.20 -10.13
N LEU A 757 7.25 8.15 -9.42
CA LEU A 757 5.93 8.10 -8.80
C LEU A 757 5.97 7.11 -7.64
N ILE A 758 5.40 7.51 -6.51
CA ILE A 758 5.37 6.71 -5.29
C ILE A 758 4.00 6.83 -4.64
N GLY A 759 3.84 6.17 -3.50
CA GLY A 759 2.58 6.15 -2.79
C GLY A 759 2.38 7.38 -1.94
N ALA A 760 1.39 7.28 -1.04
CA ALA A 760 0.96 8.39 -0.21
C ALA A 760 0.79 7.95 1.24
N GLY A 761 1.65 7.06 1.71
CA GLY A 761 1.60 6.58 3.09
C GLY A 761 2.78 7.11 3.88
N HIS A 762 2.49 7.59 5.09
CA HIS A 762 3.54 8.09 5.98
C HIS A 762 4.05 7.00 6.90
N SER A 763 4.40 5.85 6.33
CA SER A 763 4.92 4.73 7.08
C SER A 763 6.00 4.00 6.30
N SER A 764 6.76 4.73 5.48
CA SER A 764 7.75 4.15 4.59
C SER A 764 9.13 4.78 4.76
N GLU A 765 9.40 5.39 5.91
CA GLU A 765 10.72 5.96 6.20
C GLU A 765 11.08 7.12 5.26
N VAL A 766 10.17 7.50 4.37
CA VAL A 766 10.43 8.57 3.42
C VAL A 766 9.17 9.42 3.28
N LYS A 767 9.36 10.68 2.93
CA LYS A 767 8.22 11.59 2.78
C LYS A 767 7.38 11.10 1.62
N PRO A 768 6.10 10.77 1.82
CA PRO A 768 5.28 10.25 0.73
C PRO A 768 4.83 11.34 -0.22
N MET A 769 4.33 10.90 -1.38
CA MET A 769 3.77 11.79 -2.38
C MET A 769 2.30 12.03 -2.09
N THR A 770 1.82 13.21 -2.49
CA THR A 770 0.44 13.59 -2.26
C THR A 770 -0.43 13.22 -3.45
N GLN A 771 -1.74 13.15 -3.19
CA GLN A 771 -2.69 12.76 -4.24
C GLN A 771 -2.65 13.73 -5.40
N THR A 772 -2.58 15.04 -5.12
CA THR A 772 -2.55 16.03 -6.18
C THR A 772 -1.37 15.79 -7.11
N GLU A 773 -0.20 15.54 -6.54
CA GLU A 773 0.99 15.29 -7.37
C GLU A 773 0.83 14.01 -8.19
N GLN A 774 0.19 12.99 -7.63
CA GLN A 774 -0.04 11.77 -8.39
C GLN A 774 -0.93 12.04 -9.59
N LYS A 775 -2.09 12.66 -9.35
CA LYS A 775 -2.98 13.01 -10.46
C LYS A 775 -2.27 13.88 -11.48
N GLU A 776 -1.41 14.77 -11.01
CA GLU A 776 -0.76 15.76 -11.87
C GLU A 776 0.28 15.10 -12.76
N VAL A 777 1.11 14.22 -12.18
CA VAL A 777 2.08 13.47 -12.96
C VAL A 777 1.36 12.54 -13.95
N ILE A 778 0.27 11.94 -13.53
CA ILE A 778 -0.50 11.08 -14.44
C ILE A 778 -1.03 11.90 -15.61
N SER A 779 -1.51 13.12 -15.33
CA SER A 779 -2.02 13.98 -16.39
C SER A 779 -0.92 14.29 -17.41
N LYS A 780 0.27 14.67 -16.93
CA LYS A 780 1.33 14.97 -17.88
C LYS A 780 1.83 13.73 -18.61
N PHE A 781 1.82 12.57 -17.95
CA PHE A 781 2.16 11.34 -18.66
C PHE A 781 1.15 11.06 -19.77
N ARG A 782 -0.12 11.37 -19.51
CA ARG A 782 -1.13 11.26 -20.56
C ARG A 782 -0.83 12.22 -21.70
N THR A 783 -0.45 13.46 -21.38
CA THR A 783 -0.19 14.44 -22.43
C THR A 783 0.97 13.99 -23.31
N GLY A 784 2.10 13.64 -22.70
CA GLY A 784 3.23 13.13 -23.44
C GLY A 784 4.54 13.85 -23.18
N GLU A 785 4.48 15.00 -22.50
CA GLU A 785 5.70 15.70 -22.16
C GLU A 785 6.56 14.93 -21.17
N ILE A 786 6.01 13.89 -20.52
CA ILE A 786 6.77 12.94 -19.74
C ILE A 786 6.69 11.59 -20.46
N ASN A 787 7.85 11.02 -20.79
CA ASN A 787 7.88 9.83 -21.63
C ASN A 787 7.72 8.55 -20.82
N LEU A 788 8.48 8.38 -19.75
CA LEU A 788 8.49 7.13 -19.01
C LEU A 788 8.35 7.37 -17.53
N LEU A 789 7.81 6.37 -16.84
CA LEU A 789 7.53 6.43 -15.41
C LEU A 789 8.36 5.42 -14.66
N ILE A 790 8.79 5.80 -13.45
CA ILE A 790 9.46 4.91 -12.51
C ILE A 790 8.53 4.82 -11.30
N ALA A 791 7.78 3.74 -11.19
CA ALA A 791 6.68 3.64 -10.25
C ALA A 791 6.83 2.43 -9.35
N THR A 792 6.32 2.56 -8.13
CA THR A 792 6.20 1.45 -7.20
C THR A 792 4.88 0.73 -7.47
N THR A 793 4.44 -0.12 -6.56
CA THR A 793 3.23 -0.92 -6.81
C THR A 793 1.96 -0.05 -6.92
N VAL A 794 2.05 1.28 -6.92
CA VAL A 794 0.87 2.12 -7.09
C VAL A 794 0.27 1.92 -8.47
N ALA A 795 1.11 1.70 -9.48
CA ALA A 795 0.72 1.91 -10.86
C ALA A 795 0.08 0.69 -11.54
N GLU A 796 0.04 -0.47 -10.88
CA GLU A 796 -0.55 -1.64 -11.53
C GLU A 796 -2.03 -1.45 -11.80
N GLU A 797 -2.77 -0.90 -10.83
CA GLU A 797 -4.22 -0.87 -10.93
C GLU A 797 -4.75 0.43 -10.33
N GLY A 798 -5.95 0.81 -10.78
CA GLY A 798 -6.63 1.98 -10.27
C GLY A 798 -6.20 3.29 -10.87
N LEU A 799 -5.31 3.29 -11.86
CA LEU A 799 -4.79 4.51 -12.45
C LEU A 799 -5.14 4.56 -13.93
N ASP A 800 -5.53 5.73 -14.40
CA ASP A 800 -5.81 5.97 -15.81
C ASP A 800 -4.50 6.29 -16.52
N ILE A 801 -3.98 5.32 -17.27
CA ILE A 801 -2.69 5.44 -17.92
C ILE A 801 -2.83 5.05 -19.38
N LYS A 802 -2.35 5.91 -20.27
CA LYS A 802 -2.34 5.61 -21.69
C LYS A 802 -1.41 4.42 -21.96
N GLU A 803 -1.79 3.59 -22.92
CA GLU A 803 -1.02 2.39 -23.20
C GLU A 803 0.43 2.73 -23.54
N CYS A 804 1.34 1.95 -22.97
CA CYS A 804 2.77 2.13 -23.17
C CYS A 804 3.31 1.04 -24.08
N ASN A 805 4.54 1.26 -24.55
CA ASN A 805 5.20 0.31 -25.45
C ASN A 805 6.20 -0.59 -24.74
N ILE A 806 6.77 -0.16 -23.62
CA ILE A 806 7.76 -0.96 -22.90
C ILE A 806 7.35 -1.04 -21.43
N VAL A 807 7.33 -2.26 -20.91
CA VAL A 807 7.12 -2.51 -19.49
C VAL A 807 8.35 -3.21 -18.95
N ILE A 808 8.90 -2.71 -17.85
CA ILE A 808 10.11 -3.25 -17.25
C ILE A 808 9.82 -3.54 -15.78
N ARG A 809 10.30 -4.68 -15.30
CA ARG A 809 10.28 -5.02 -13.89
C ARG A 809 11.72 -5.14 -13.41
N TYR A 810 12.15 -4.20 -12.56
CA TYR A 810 13.52 -4.16 -12.09
C TYR A 810 13.60 -4.92 -10.77
N GLY A 811 13.73 -6.24 -10.90
CA GLY A 811 13.86 -7.09 -9.73
C GLY A 811 12.67 -7.02 -8.79
N LEU A 812 11.46 -7.06 -9.34
CA LEU A 812 10.24 -6.97 -8.54
C LEU A 812 9.25 -8.02 -9.02
N VAL A 813 8.85 -8.92 -8.12
CA VAL A 813 7.83 -9.93 -8.41
C VAL A 813 7.01 -10.14 -7.14
N THR A 814 5.70 -9.93 -7.23
CA THR A 814 4.82 -10.03 -6.07
C THR A 814 3.85 -11.19 -6.18
N ASN A 815 3.03 -11.24 -7.21
CA ASN A 815 2.01 -12.28 -7.32
C ASN A 815 1.50 -12.31 -8.76
N GLU A 816 0.57 -13.23 -9.02
CA GLU A 816 0.05 -13.40 -10.37
C GLU A 816 -0.86 -12.25 -10.77
N ILE A 817 -1.62 -11.69 -9.83
CA ILE A 817 -2.55 -10.62 -10.18
C ILE A 817 -1.78 -9.36 -10.59
N ALA A 818 -0.77 -8.99 -9.81
CA ALA A 818 0.05 -7.84 -10.18
C ALA A 818 0.77 -8.09 -11.49
N MET A 819 1.23 -9.33 -11.69
CA MET A 819 1.89 -9.67 -12.95
C MET A 819 0.95 -9.45 -14.12
N VAL A 820 -0.30 -9.93 -13.99
CA VAL A 820 -1.26 -9.78 -15.09
C VAL A 820 -1.57 -8.32 -15.34
N GLN A 821 -1.77 -7.55 -14.26
CA GLN A 821 -2.10 -6.13 -14.44
C GLN A 821 -0.96 -5.38 -15.11
N ALA A 822 0.27 -5.65 -14.70
CA ALA A 822 1.42 -5.01 -15.35
C ALA A 822 1.53 -5.45 -16.80
N ARG A 823 1.31 -6.73 -17.08
CA ARG A 823 1.40 -7.23 -18.45
C ARG A 823 0.36 -6.57 -19.34
N GLY A 824 -0.85 -6.39 -18.84
CA GLY A 824 -1.90 -5.77 -19.64
C GLY A 824 -1.60 -4.35 -20.03
N ARG A 825 -0.63 -3.71 -19.38
CA ARG A 825 -0.26 -2.35 -19.73
C ARG A 825 0.29 -2.27 -21.15
N ALA A 826 0.88 -3.36 -21.64
CA ALA A 826 1.65 -3.34 -22.89
C ALA A 826 0.73 -3.60 -24.09
N ARG A 827 -0.09 -2.60 -24.37
CA ARG A 827 -0.81 -2.50 -25.64
C ARG A 827 0.07 -1.70 -26.60
N ALA A 828 -0.51 -1.15 -27.68
CA ALA A 828 0.30 -0.42 -28.64
C ALA A 828 1.29 -1.34 -29.35
N ASP A 829 0.77 -2.12 -30.30
CA ASP A 829 1.51 -3.18 -30.98
C ASP A 829 2.97 -2.80 -31.23
N GLU A 830 3.82 -3.83 -31.13
CA GLU A 830 5.28 -3.68 -31.04
C GLU A 830 5.68 -3.19 -29.66
N SER A 831 4.96 -3.66 -28.64
CA SER A 831 5.28 -3.42 -27.24
C SER A 831 5.81 -4.70 -26.62
N THR A 832 6.63 -4.55 -25.59
CA THR A 832 7.33 -5.68 -25.00
C THR A 832 7.34 -5.57 -23.48
N TYR A 833 7.42 -6.72 -22.82
CA TYR A 833 7.44 -6.83 -21.37
C TYR A 833 8.70 -7.56 -20.96
N VAL A 834 9.53 -6.92 -20.13
CA VAL A 834 10.84 -7.44 -19.78
C VAL A 834 10.99 -7.45 -18.26
N LEU A 835 11.65 -8.50 -17.76
CA LEU A 835 12.00 -8.62 -16.35
C LEU A 835 13.52 -8.70 -16.25
N VAL A 836 14.12 -7.77 -15.50
CA VAL A 836 15.57 -7.68 -15.39
C VAL A 836 15.96 -8.11 -13.98
N THR A 837 16.95 -9.00 -13.88
CA THR A 837 17.38 -9.51 -12.59
C THR A 837 18.75 -10.16 -12.72
N SER A 838 19.28 -10.64 -11.60
CA SER A 838 20.56 -11.31 -11.54
C SER A 838 20.34 -12.81 -11.31
N SER A 839 21.45 -13.54 -11.23
CA SER A 839 21.41 -14.99 -11.07
C SER A 839 21.32 -15.41 -9.61
N GLY A 840 21.93 -14.66 -8.69
CA GLY A 840 21.90 -15.03 -7.30
C GLY A 840 20.50 -15.04 -6.73
N SER A 841 19.70 -14.04 -7.08
CA SER A 841 18.34 -13.93 -6.56
C SER A 841 17.43 -14.98 -7.21
N GLY A 842 16.29 -15.21 -6.57
CA GLY A 842 15.33 -16.18 -7.07
C GLY A 842 14.13 -15.53 -7.72
N VAL A 843 14.34 -14.36 -8.34
CA VAL A 843 13.23 -13.61 -8.92
C VAL A 843 12.65 -14.35 -10.11
N THR A 844 13.51 -14.91 -10.97
CA THR A 844 13.01 -15.61 -12.15
C THR A 844 12.13 -16.78 -11.76
N GLU A 845 12.52 -17.51 -10.73
CA GLU A 845 11.71 -18.63 -10.26
C GLU A 845 10.34 -18.15 -9.78
N ARG A 846 10.29 -17.02 -9.08
CA ARG A 846 9.00 -16.50 -8.63
C ARG A 846 8.13 -16.08 -9.81
N GLU A 847 8.72 -15.45 -10.82
CA GLU A 847 7.96 -15.12 -12.02
C GLU A 847 7.42 -16.38 -12.69
N ILE A 848 8.24 -17.42 -12.76
CA ILE A 848 7.80 -18.69 -13.34
C ILE A 848 6.65 -19.27 -12.54
N VAL A 849 6.73 -19.21 -11.21
CA VAL A 849 5.67 -19.73 -10.36
C VAL A 849 4.38 -18.95 -10.60
N ASN A 850 4.49 -17.64 -10.80
CA ASN A 850 3.31 -16.85 -11.12
C ASN A 850 2.68 -17.30 -12.44
N ASP A 851 3.52 -17.59 -13.43
CA ASP A 851 2.98 -18.14 -14.69
C ASP A 851 2.25 -19.45 -14.45
N PHE A 852 2.85 -20.34 -13.65
CA PHE A 852 2.21 -21.59 -13.29
C PHE A 852 0.85 -21.34 -12.67
N ARG A 853 0.78 -20.40 -11.73
CA ARG A 853 -0.48 -20.06 -11.08
C ARG A 853 -1.48 -19.52 -12.09
N GLU A 854 -1.03 -18.76 -13.07
CA GLU A 854 -1.94 -18.28 -14.11
C GLU A 854 -2.61 -19.45 -14.81
N LYS A 855 -1.83 -20.42 -15.27
CA LYS A 855 -2.45 -21.56 -15.96
C LYS A 855 -3.32 -22.38 -15.02
N MET A 856 -2.90 -22.54 -13.77
CA MET A 856 -3.73 -23.28 -12.81
C MET A 856 -5.08 -22.60 -12.63
N MET A 857 -5.07 -21.27 -12.49
CA MET A 857 -6.31 -20.52 -12.35
C MET A 857 -7.18 -20.68 -13.59
N TYR A 858 -6.58 -20.61 -14.77
CA TYR A 858 -7.37 -20.76 -15.99
C TYR A 858 -8.05 -22.12 -16.04
N LYS A 859 -7.32 -23.19 -15.70
CA LYS A 859 -7.93 -24.51 -15.70
C LYS A 859 -9.03 -24.62 -14.66
N ALA A 860 -8.81 -24.05 -13.47
CA ALA A 860 -9.84 -24.09 -12.44
C ALA A 860 -11.10 -23.39 -12.91
N ILE A 861 -10.96 -22.21 -13.53
CA ILE A 861 -12.13 -21.49 -14.01
C ILE A 861 -12.82 -22.28 -15.12
N ASN A 862 -12.05 -22.90 -16.00
CA ASN A 862 -12.64 -23.68 -17.07
C ASN A 862 -13.48 -24.82 -16.52
N ARG A 863 -12.97 -25.52 -15.50
CA ARG A 863 -13.77 -26.58 -14.90
C ARG A 863 -15.00 -26.00 -14.21
N VAL A 864 -14.83 -24.91 -13.47
CA VAL A 864 -15.93 -24.38 -12.66
C VAL A 864 -17.08 -23.94 -13.55
N GLN A 865 -16.76 -23.35 -14.70
CA GLN A 865 -17.82 -22.87 -15.59
C GLN A 865 -18.74 -23.99 -16.04
N ASN A 866 -18.28 -25.24 -16.03
CA ASN A 866 -19.05 -26.36 -16.55
C ASN A 866 -19.66 -27.22 -15.45
N MET A 867 -19.65 -26.75 -14.20
CA MET A 867 -20.16 -27.54 -13.10
C MET A 867 -21.69 -27.54 -13.09
N LYS A 868 -22.25 -28.61 -12.54
CA LYS A 868 -23.70 -28.75 -12.50
C LYS A 868 -24.30 -27.73 -11.53
N PRO A 869 -25.43 -27.11 -11.87
CA PRO A 869 -25.99 -26.07 -10.99
C PRO A 869 -26.29 -26.55 -9.58
N GLU A 870 -26.78 -27.78 -9.42
CA GLU A 870 -27.23 -28.23 -8.10
C GLU A 870 -26.07 -28.29 -7.12
N GLU A 871 -25.00 -28.99 -7.49
CA GLU A 871 -23.84 -29.10 -6.60
C GLU A 871 -23.17 -27.75 -6.41
N TYR A 872 -23.15 -26.93 -7.47
CA TYR A 872 -22.61 -25.58 -7.34
C TYR A 872 -23.34 -24.81 -6.26
N ALA A 873 -24.68 -24.79 -6.32
CA ALA A 873 -25.46 -24.07 -5.32
C ALA A 873 -25.26 -24.66 -3.94
N HIS A 874 -25.21 -26.00 -3.84
CA HIS A 874 -25.00 -26.63 -2.54
C HIS A 874 -23.70 -26.17 -1.91
N LYS A 875 -22.61 -26.20 -2.69
CA LYS A 875 -21.31 -25.84 -2.14
C LYS A 875 -21.24 -24.34 -1.85
N ILE A 876 -21.86 -23.51 -2.68
CA ILE A 876 -21.88 -22.08 -2.40
C ILE A 876 -22.60 -21.81 -1.09
N LEU A 877 -23.74 -22.46 -0.88
CA LEU A 877 -24.46 -22.29 0.38
C LEU A 877 -23.61 -22.75 1.55
N GLU A 878 -22.94 -23.90 1.40
CA GLU A 878 -22.11 -24.40 2.47
C GLU A 878 -21.00 -23.41 2.82
N LEU A 879 -20.33 -22.88 1.79
CA LEU A 879 -19.25 -21.93 2.02
C LEU A 879 -19.76 -20.66 2.68
N GLN A 880 -20.92 -20.15 2.24
CA GLN A 880 -21.47 -18.93 2.84
C GLN A 880 -21.79 -19.16 4.31
N VAL A 881 -22.45 -20.28 4.62
CA VAL A 881 -22.79 -20.58 6.01
C VAL A 881 -21.53 -20.71 6.85
N GLN A 882 -20.52 -21.42 6.32
CA GLN A 882 -19.28 -21.59 7.07
C GLN A 882 -18.61 -20.25 7.32
N SER A 883 -18.57 -19.38 6.32
CA SER A 883 -17.94 -18.08 6.49
C SER A 883 -18.65 -17.25 7.54
N ILE A 884 -19.98 -17.19 7.47
CA ILE A 884 -20.73 -16.39 8.44
C ILE A 884 -20.53 -16.94 9.84
N LEU A 885 -20.59 -18.27 10.00
CA LEU A 885 -20.49 -18.84 11.33
C LEU A 885 -19.09 -18.67 11.90
N GLU A 886 -18.05 -18.82 11.08
CA GLU A 886 -16.70 -18.60 11.59
C GLU A 886 -16.49 -17.13 11.94
N LYS A 887 -17.10 -16.23 11.18
CA LYS A 887 -17.05 -14.81 11.55
C LYS A 887 -17.70 -14.58 12.91
N LYS A 888 -18.86 -15.21 13.13
CA LYS A 888 -19.52 -15.11 14.43
C LYS A 888 -18.60 -15.62 15.54
N MET A 889 -18.02 -16.80 15.35
CA MET A 889 -17.16 -17.39 16.37
C MET A 889 -15.96 -16.50 16.65
N LYS A 890 -15.34 -15.94 15.61
CA LYS A 890 -14.20 -15.07 15.81
C LYS A 890 -14.60 -13.78 16.51
N VAL A 891 -15.75 -13.21 16.16
CA VAL A 891 -16.21 -11.98 16.81
C VAL A 891 -16.50 -12.22 18.27
N LYS A 892 -16.91 -13.45 18.63
CA LYS A 892 -17.21 -13.73 20.03
C LYS A 892 -16.04 -13.37 20.94
N ARG A 893 -14.83 -13.75 20.55
CA ARG A 893 -13.67 -13.50 21.41
C ARG A 893 -13.29 -12.03 21.48
N SER A 894 -13.69 -11.22 20.50
CA SER A 894 -13.23 -9.84 20.41
C SER A 894 -13.82 -8.94 21.48
N ILE A 895 -14.59 -9.47 22.43
CA ILE A 895 -15.16 -8.63 23.47
C ILE A 895 -14.06 -7.99 24.31
N ALA A 896 -13.04 -8.77 24.67
CA ALA A 896 -11.93 -8.26 25.46
C ALA A 896 -11.14 -7.22 24.67
N TYR A 899 -6.08 -4.59 30.61
CA TYR A 899 -6.47 -3.24 30.23
C TYR A 899 -6.78 -2.39 31.47
N ASN A 900 -6.14 -2.73 32.59
CA ASN A 900 -6.30 -1.94 33.80
C ASN A 900 -5.72 -0.54 33.61
N ASP A 901 -6.32 0.43 34.29
CA ASP A 901 -5.97 1.84 34.15
C ASP A 901 -5.20 2.27 35.39
N ASN A 902 -3.87 2.34 35.26
CA ASN A 902 -2.98 2.79 36.33
C ASN A 902 -1.96 3.75 35.74
N PRO A 903 -2.40 4.94 35.33
CA PRO A 903 -1.45 5.88 34.72
C PRO A 903 -0.27 6.22 35.62
N SER A 904 -0.51 6.37 36.93
CA SER A 904 0.57 6.69 37.85
C SER A 904 1.51 5.51 38.09
N LEU A 905 1.16 4.31 37.62
CA LEU A 905 1.98 3.14 37.89
C LEU A 905 3.23 3.11 37.03
N ILE A 906 3.22 3.75 35.86
CA ILE A 906 4.28 3.60 34.88
C ILE A 906 5.10 4.87 34.78
N THR A 907 6.32 4.72 34.28
CA THR A 907 7.22 5.83 34.00
C THR A 907 7.89 5.60 32.66
N LEU A 908 8.33 6.68 32.03
CA LEU A 908 8.88 6.66 30.69
C LEU A 908 10.37 7.00 30.75
N LEU A 909 11.19 6.17 30.11
CA LEU A 909 12.63 6.36 30.08
C LEU A 909 13.11 6.52 28.64
N CYS A 910 14.03 7.45 28.43
CA CYS A 910 14.64 7.62 27.12
C CYS A 910 15.44 6.38 26.76
N LYS A 911 15.36 5.98 25.49
CA LYS A 911 15.95 4.70 25.08
C LYS A 911 17.46 4.71 25.26
N ASN A 912 18.14 5.72 24.72
CA ASN A 912 19.60 5.76 24.81
C ASN A 912 20.05 6.04 26.23
N CYS A 913 19.69 7.19 26.77
CA CYS A 913 20.05 7.59 28.13
C CYS A 913 18.86 7.25 29.04
N SER A 914 18.95 6.12 29.73
CA SER A 914 17.85 5.68 30.59
C SER A 914 17.75 6.64 31.77
N MET A 915 16.73 7.49 31.74
CA MET A 915 16.48 8.42 32.84
C MET A 915 15.00 8.77 32.86
N LEU A 916 14.53 9.18 34.04
CA LEU A 916 13.11 9.45 34.24
C LEU A 916 12.68 10.63 33.39
N VAL A 917 11.88 10.37 32.37
CA VAL A 917 11.38 11.42 31.50
C VAL A 917 10.06 11.99 32.01
N CYS A 918 9.10 11.13 32.30
CA CYS A 918 7.79 11.56 32.77
C CYS A 918 7.05 10.34 33.30
N SER A 919 5.85 10.59 33.81
CA SER A 919 4.94 9.55 34.31
C SER A 919 3.68 9.54 33.47
N GLY A 920 2.79 8.59 33.78
CA GLY A 920 1.52 8.51 33.09
C GLY A 920 0.47 9.46 33.60
N GLU A 921 0.79 10.29 34.59
CA GLU A 921 -0.16 11.27 35.11
C GLU A 921 -0.02 12.62 34.42
N ASN A 922 1.20 13.01 34.05
CA ASN A 922 1.41 14.28 33.38
C ASN A 922 1.05 14.22 31.90
N ILE A 923 0.78 13.04 31.36
CA ILE A 923 0.41 12.87 29.96
C ILE A 923 -1.10 13.01 29.83
N HIS A 924 -1.54 13.85 28.89
CA HIS A 924 -2.95 14.06 28.62
C HIS A 924 -3.23 13.76 27.16
N VAL A 925 -4.51 13.66 26.83
CA VAL A 925 -4.96 13.26 25.50
C VAL A 925 -5.90 14.33 24.94
N VAL A 926 -5.70 14.66 23.67
CA VAL A 926 -6.55 15.59 22.94
C VAL A 926 -7.32 14.80 21.90
N GLU A 927 -8.65 14.96 21.91
CA GLU A 927 -9.54 14.30 20.97
C GLU A 927 -9.39 12.78 21.02
N LYS A 928 -8.93 12.25 22.17
CA LYS A 928 -8.72 10.83 22.36
C LYS A 928 -7.69 10.24 21.40
N MET A 929 -6.94 11.09 20.72
CA MET A 929 -6.05 10.64 19.64
C MET A 929 -4.63 11.17 19.78
N HIS A 930 -4.45 12.39 20.26
CA HIS A 930 -3.13 13.01 20.34
C HIS A 930 -2.64 12.99 21.79
N HIS A 931 -1.46 12.42 22.01
CA HIS A 931 -0.87 12.34 23.33
C HIS A 931 0.10 13.50 23.49
N VAL A 932 -0.11 14.32 24.53
CA VAL A 932 0.73 15.50 24.75
C VAL A 932 1.00 15.66 26.24
N ASN A 933 2.18 16.15 26.56
CA ASN A 933 2.56 16.49 27.93
C ASN A 933 2.76 17.99 28.02
N MET A 934 2.06 18.63 28.96
CA MET A 934 2.08 20.09 29.12
C MET A 934 2.38 20.40 30.59
N THR A 935 3.66 20.50 30.92
CA THR A 935 4.11 20.83 32.26
C THR A 935 5.32 21.76 32.15
N PRO A 936 5.57 22.59 33.17
CA PRO A 936 6.72 23.50 33.08
C PRO A 936 8.06 22.78 33.03
N GLU A 937 8.30 21.88 33.98
CA GLU A 937 9.60 21.21 34.04
C GLU A 937 9.91 20.45 32.75
N PHE A 938 8.88 19.87 32.13
CA PHE A 938 9.12 19.10 30.90
C PHE A 938 9.59 20.00 29.77
N LYS A 939 9.20 21.28 29.78
CA LYS A 939 9.57 22.16 28.69
C LYS A 939 11.07 22.30 28.55
N GLY A 940 11.80 22.24 29.66
CA GLY A 940 13.24 22.39 29.65
C GLY A 940 14.02 21.11 29.47
N LEU A 941 13.35 20.01 29.16
CA LEU A 941 13.99 18.71 29.03
C LEU A 941 14.24 18.30 27.59
N TYR A 942 13.98 19.17 26.62
CA TYR A 942 14.11 18.81 25.22
C TYR A 942 14.60 20.02 24.42
N ILE A 943 14.88 19.77 23.14
CA ILE A 943 15.35 20.77 22.20
C ILE A 943 14.47 20.71 20.96
N VAL A 944 14.37 21.85 20.26
CA VAL A 944 13.52 21.99 19.09
C VAL A 944 14.39 22.26 17.88
N ARG A 945 14.12 21.54 16.79
CA ARG A 945 14.81 21.72 15.53
C ARG A 945 13.82 22.21 14.47
N GLU A 946 14.34 22.46 13.28
CA GLU A 946 13.53 22.94 12.16
C GLU A 946 12.93 21.75 11.41
N ASN A 947 11.84 22.04 10.69
CA ASN A 947 11.13 21.02 9.92
C ASN A 947 11.83 20.84 8.58
N LYS A 948 12.42 19.65 8.37
CA LYS A 948 13.11 19.40 7.11
C LYS A 948 12.16 19.34 5.93
N ALA A 949 10.94 18.82 6.14
CA ALA A 949 9.98 18.76 5.05
C ALA A 949 9.65 20.14 4.52
N LEU A 950 9.43 21.10 5.43
CA LEU A 950 9.22 22.48 5.01
C LEU A 950 10.53 23.17 4.65
N GLN A 951 11.67 22.63 5.08
CA GLN A 951 12.95 23.24 4.74
C GLN A 951 13.18 23.19 3.24
N LYS A 952 12.85 22.07 2.60
CA LYS A 952 13.02 21.92 1.16
C LYS A 952 11.67 21.86 0.46
N ASP A 956 8.98 31.14 4.07
CA ASP A 956 8.56 29.88 4.66
C ASP A 956 8.37 30.03 6.17
N TYR A 957 7.93 28.94 6.82
CA TYR A 957 7.73 28.94 8.26
C TYR A 957 7.90 27.53 8.78
N GLN A 958 8.19 27.43 10.07
CA GLN A 958 8.37 26.15 10.76
C GLN A 958 7.29 26.01 11.81
N THR A 959 6.39 25.04 11.60
CA THR A 959 5.26 24.81 12.51
C THR A 959 5.44 23.57 13.37
N ASN A 960 5.71 22.41 12.77
CA ASN A 960 5.85 21.16 13.50
C ASN A 960 7.34 20.82 13.58
N GLY A 961 8.00 21.36 14.61
CA GLY A 961 9.40 21.08 14.81
C GLY A 961 9.62 19.77 15.55
N GLU A 962 10.72 19.10 15.21
CA GLU A 962 11.06 17.84 15.85
C GLU A 962 11.57 18.10 17.27
N ILE A 963 11.46 17.07 18.11
CA ILE A 963 11.87 17.13 19.51
C ILE A 963 12.98 16.10 19.71
N ILE A 964 14.13 16.56 20.19
CA ILE A 964 15.30 15.71 20.38
C ILE A 964 15.72 15.77 21.84
N CYS A 965 16.39 14.72 22.29
CA CYS A 965 16.85 14.62 23.67
C CYS A 965 18.28 15.12 23.80
N LYS A 966 18.78 15.17 25.04
CA LYS A 966 20.15 15.59 25.27
C LYS A 966 21.14 14.61 24.65
N CYS A 967 20.85 13.31 24.74
CA CYS A 967 21.70 12.32 24.10
C CYS A 967 21.58 12.34 22.57
N GLY A 968 20.63 13.11 22.03
CA GLY A 968 20.35 13.09 20.61
C GLY A 968 19.18 12.22 20.22
N GLN A 969 18.49 11.63 21.19
CA GLN A 969 17.36 10.75 20.89
C GLN A 969 16.11 11.58 20.62
N ALA A 970 15.37 11.18 19.59
CA ALA A 970 14.14 11.87 19.24
C ALA A 970 12.97 11.36 20.06
N TRP A 971 12.14 12.29 20.52
CA TRP A 971 10.93 11.96 21.28
C TRP A 971 9.65 12.13 20.48
N GLY A 972 9.53 13.20 19.71
CA GLY A 972 8.31 13.46 18.97
C GLY A 972 8.35 14.74 18.16
N THR A 973 7.27 15.52 18.21
CA THR A 973 7.17 16.74 17.40
C THR A 973 6.36 17.77 18.18
N MET A 974 6.12 18.91 17.54
CA MET A 974 5.32 19.98 18.12
C MET A 974 3.97 20.04 17.42
N MET A 975 2.94 20.40 18.19
CA MET A 975 1.59 20.54 17.68
C MET A 975 1.00 21.81 18.27
N VAL A 976 -0.07 22.31 17.66
CA VAL A 976 -0.77 23.50 18.14
C VAL A 976 -2.24 23.18 18.29
N HIS A 977 -2.77 23.38 19.50
CA HIS A 977 -4.18 23.16 19.80
C HIS A 977 -4.74 24.43 20.41
N LYS A 978 -5.78 24.98 19.77
CA LYS A 978 -6.41 26.22 20.24
C LYS A 978 -5.41 27.37 20.25
N GLY A 979 -4.43 27.33 19.35
CA GLY A 979 -3.37 28.32 19.33
C GLY A 979 -2.30 28.11 20.37
N LEU A 980 -2.29 26.98 21.05
CA LEU A 980 -1.35 26.69 22.13
C LEU A 980 -0.34 25.67 21.65
N ASP A 981 0.94 25.97 21.84
CA ASP A 981 2.01 25.07 21.42
C ASP A 981 2.19 23.99 22.47
N LEU A 982 2.07 22.73 22.06
CA LEU A 982 2.22 21.58 22.92
C LEU A 982 3.16 20.57 22.26
N PRO A 983 3.80 19.71 23.05
CA PRO A 983 4.58 18.62 22.44
C PRO A 983 3.78 17.35 22.29
N CYS A 984 3.95 16.66 21.16
CA CYS A 984 3.33 15.36 20.91
C CYS A 984 4.42 14.30 20.90
N LEU A 985 4.23 13.26 21.70
CA LEU A 985 5.25 12.24 21.92
C LEU A 985 4.90 10.97 21.16
N LYS A 986 5.94 10.20 20.82
CA LYS A 986 5.80 8.90 20.19
C LYS A 986 6.26 7.83 21.16
N ILE A 987 5.39 6.86 21.41
CA ILE A 987 5.69 5.83 22.41
C ILE A 987 6.90 5.00 21.99
N ARG A 988 7.14 4.87 20.68
CA ARG A 988 8.22 4.03 20.20
C ARG A 988 9.59 4.57 20.60
N ASN A 989 9.68 5.81 21.05
CA ASN A 989 10.92 6.43 21.46
C ASN A 989 11.18 6.28 22.96
N PHE A 990 10.36 5.52 23.67
CA PHE A 990 10.43 5.42 25.12
C PHE A 990 10.49 3.96 25.54
N VAL A 991 10.80 3.77 26.83
CA VAL A 991 10.73 2.47 27.49
C VAL A 991 9.86 2.63 28.72
N VAL A 992 8.94 1.69 28.92
CA VAL A 992 7.96 1.76 30.00
C VAL A 992 8.48 0.97 31.19
N ASN A 993 8.41 1.57 32.37
CA ASN A 993 8.82 0.93 33.62
C ASN A 993 7.65 0.94 34.60
N PHE A 994 7.34 -0.24 35.16
CA PHE A 994 6.27 -0.39 36.12
C PHE A 994 6.84 -0.43 37.54
N LYS A 995 6.00 -0.06 38.50
CA LYS A 995 6.40 -0.01 39.91
C LYS A 995 6.12 -1.31 40.66
N ASN A 996 5.39 -2.25 40.06
CA ASN A 996 5.08 -3.49 40.76
C ASN A 996 6.24 -4.48 40.61
N ASN A 997 6.55 -4.85 39.37
CA ASN A 997 7.62 -5.78 39.04
C ASN A 997 8.57 -5.34 37.92
N SER A 998 8.24 -4.30 37.14
CA SER A 998 9.17 -3.66 36.22
C SER A 998 9.76 -4.59 35.15
N PRO A 999 8.95 -5.36 34.42
CA PRO A 999 9.41 -6.02 33.18
C PRO A 999 9.31 -5.04 32.03
N LYS A 1000 10.33 -4.20 31.90
CA LYS A 1000 10.27 -3.08 30.98
C LYS A 1000 9.94 -3.57 29.57
N LYS A 1001 9.02 -2.87 28.93
CA LYS A 1001 8.46 -3.31 27.66
C LYS A 1001 8.21 -2.09 26.80
N GLN A 1002 8.18 -2.30 25.49
CA GLN A 1002 7.94 -1.25 24.52
C GLN A 1002 6.82 -1.71 23.60
N TYR A 1003 5.95 -0.77 23.22
CA TYR A 1003 4.65 -1.12 22.65
C TYR A 1003 4.48 -0.71 21.20
N LYS A 1004 5.32 0.19 20.68
CA LYS A 1004 5.36 0.53 19.25
C LYS A 1004 4.17 1.39 18.85
N LYS A 1005 3.18 1.55 19.73
CA LYS A 1005 2.05 2.43 19.45
C LYS A 1005 1.13 2.51 20.67
N TRP A 1006 0.39 3.61 20.79
CA TRP A 1006 -0.36 3.87 22.01
C TRP A 1006 -1.45 2.83 22.25
N VAL A 1007 -2.12 2.39 21.19
CA VAL A 1007 -3.31 1.55 21.37
C VAL A 1007 -2.92 0.25 22.07
N GLU A 1008 -1.78 -0.34 21.72
CA GLU A 1008 -1.38 -1.59 22.35
C GLU A 1008 -1.10 -1.42 23.83
N LEU A 1009 -0.86 -0.18 24.28
CA LEU A 1009 -0.64 0.05 25.70
C LEU A 1009 -1.96 -0.20 26.46
N PRO A 1010 -1.99 -1.10 27.43
CA PRO A 1010 -3.28 -1.47 28.03
C PRO A 1010 -3.89 -0.39 28.90
N ILE A 1011 -3.12 0.58 29.38
CA ILE A 1011 -3.64 1.58 30.30
C ILE A 1011 -4.32 2.69 29.52
N ARG A 1012 -5.20 3.42 30.19
CA ARG A 1012 -5.91 4.56 29.62
C ARG A 1012 -5.25 5.87 30.08
N PHE A 1013 -5.62 6.95 29.41
CA PHE A 1013 -5.14 8.28 29.76
C PHE A 1013 -6.31 9.25 29.81
N PRO A 1014 -6.22 10.29 30.65
CA PRO A 1014 -7.34 11.23 30.78
C PRO A 1014 -7.37 12.23 29.64
N ASP A 1015 -8.58 12.71 29.36
CA ASP A 1015 -8.74 13.78 28.38
C ASP A 1015 -8.20 15.08 28.94
N LEU A 1016 -7.83 15.99 28.04
CA LEU A 1016 -7.23 17.25 28.45
C LEU A 1016 -8.17 18.03 29.36
N ASP A 1017 -7.62 18.52 30.47
CA ASP A 1017 -8.33 19.40 31.39
C ASP A 1017 -7.50 20.66 31.55
N TYR A 1018 -8.02 21.78 31.05
CA TYR A 1018 -7.27 23.03 31.07
C TYR A 1018 -7.14 23.63 32.46
N SER A 1019 -7.86 23.10 33.45
CA SER A 1019 -7.78 23.66 34.80
C SER A 1019 -6.35 23.56 35.34
N GLU A 1020 -5.69 22.42 35.11
CA GLU A 1020 -4.33 22.24 35.59
C GLU A 1020 -3.41 23.28 34.96
N TYR A 1021 -2.53 23.86 35.78
CA TYR A 1021 -1.56 24.86 35.31
C TYR A 1021 -2.27 26.01 34.61
N CYS A 1022 -3.40 26.44 35.18
CA CYS A 1022 -4.15 27.55 34.61
C CYS A 1022 -5.01 28.16 35.69
N LEU A 1023 -5.43 29.40 35.45
CA LEU A 1023 -6.26 30.15 36.40
C LEU A 1023 -5.67 30.07 37.81
#